data_6UV6
#
_entry.id   6UV6
#
_cell.length_a   61.590
_cell.length_b   129.050
_cell.length_c   129.640
_cell.angle_alpha   90.000
_cell.angle_beta   90.000
_cell.angle_gamma   90.000
#
_symmetry.space_group_name_H-M   'P 21 21 21'
#
loop_
_entity.id
_entity.type
_entity.pdbx_description
1 polymer 'D-glucose O-methyltransferase'
2 non-polymer S-ADENOSYL-L-HOMOCYSTEINE
3 non-polymer 12-beta-D-glucopyranosyl-12,13-dihydro-5H-indolo[2,3-a]pyrrolo[3,4-c]carbazole-5,7(6H)-dione
4 water water
#
_entity_poly.entity_id   1
_entity_poly.type   'polypeptide(L)'
_entity_poly.pdbx_seq_one_letter_code
;MTDISQMYDQLSDPFAGLGAGNIHLGYFDGPDDAATLAEAADRLTDQLIARLPVVRDHRVLDVGCGVGKPALRLAGDLGV
RVVGVSISEAQIGIANEAARAAGLADRVSFRYADAMRLPFPDASFDGVWAMESLHHMPDRLQALREIARVLRHGGVLSIA
DFVQLGPVREQDEEALRAFRSGGGVHTLTGIAEYEAEIADAGLTLTSSSDISANVRPSMVRTAEAIRGAADAFLPLMGEE
GLRRLIDNFERAATVPQIGYALFAARRS
;
_entity_poly.pdbx_strand_id   A,B,C
#
loop_
_chem_comp.id
_chem_comp.type
_chem_comp.name
_chem_comp.formula
BY9 non-polymer 12-beta-D-glucopyranosyl-12,13-dihydro-5H-indolo[2,3-a]pyrrolo[3,4-c]carbazole-5,7(6H)-dione 'C26 H21 N3 O7'
#
# COMPACT_ATOMS: atom_id res chain seq x y z
N GLN A 6 -2.94 -34.87 6.31
CA GLN A 6 -3.77 -36.04 6.58
C GLN A 6 -5.22 -35.62 6.77
N MET A 7 -5.40 -34.68 7.70
CA MET A 7 -6.70 -34.09 8.00
C MET A 7 -7.44 -33.68 6.73
N TYR A 8 -6.76 -32.96 5.85
CA TYR A 8 -7.42 -32.36 4.70
C TYR A 8 -7.86 -33.40 3.68
N ASP A 9 -6.96 -34.27 3.23
CA ASP A 9 -7.31 -35.24 2.20
C ASP A 9 -8.59 -35.99 2.55
N GLN A 10 -8.79 -36.27 3.84
CA GLN A 10 -9.93 -37.08 4.27
C GLN A 10 -11.24 -36.31 4.17
N LEU A 11 -11.30 -35.12 4.79
CA LEU A 11 -12.55 -34.41 4.98
C LEU A 11 -12.73 -33.18 4.07
N SER A 12 -11.85 -32.96 3.10
CA SER A 12 -12.01 -31.77 2.26
C SER A 12 -13.35 -31.79 1.53
N ASP A 13 -13.70 -32.91 0.91
CA ASP A 13 -14.96 -33.00 0.19
C ASP A 13 -16.11 -32.44 1.02
N PRO A 14 -16.38 -32.97 2.22
CA PRO A 14 -17.53 -32.46 2.99
C PRO A 14 -17.42 -31.00 3.41
N PHE A 15 -16.27 -30.56 3.93
CA PHE A 15 -16.15 -29.16 4.33
C PHE A 15 -16.35 -28.22 3.14
N ALA A 16 -15.54 -28.41 2.09
CA ALA A 16 -15.81 -27.75 0.81
C ALA A 16 -17.21 -28.14 0.36
N GLY A 17 -18.16 -27.24 0.44
CA GLY A 17 -19.54 -27.56 0.17
C GLY A 17 -20.39 -27.04 1.31
N LEU A 18 -19.81 -27.05 2.51
CA LEU A 18 -20.41 -26.30 3.60
C LEU A 18 -20.21 -24.80 3.34
N GLY A 19 -19.17 -24.46 2.58
CA GLY A 19 -18.92 -23.10 2.14
C GLY A 19 -18.91 -22.99 0.62
N ALA A 20 -19.71 -23.82 -0.05
CA ALA A 20 -19.88 -23.81 -1.51
C ALA A 20 -18.66 -24.37 -2.22
N GLY A 21 -17.53 -23.70 -2.08
CA GLY A 21 -16.25 -24.23 -2.50
C GLY A 21 -15.15 -23.66 -1.63
N ASN A 22 -15.54 -22.92 -0.60
CA ASN A 22 -14.63 -22.23 0.29
C ASN A 22 -14.30 -23.11 1.48
N ILE A 23 -13.02 -23.20 1.81
CA ILE A 23 -12.59 -23.89 3.02
C ILE A 23 -12.01 -22.88 3.98
N HIS A 24 -12.81 -21.90 4.38
CA HIS A 24 -12.40 -20.91 5.35
C HIS A 24 -13.65 -20.33 6.00
N LEU A 25 -13.44 -19.54 7.04
CA LEU A 25 -14.52 -19.08 7.89
C LEU A 25 -15.25 -17.90 7.24
N GLY A 26 -16.13 -17.26 8.00
CA GLY A 26 -16.96 -16.20 7.46
C GLY A 26 -16.84 -14.87 8.17
N TYR A 27 -17.28 -13.81 7.48
CA TYR A 27 -17.28 -12.45 7.99
C TYR A 27 -18.73 -12.00 8.18
N PHE A 28 -19.08 -11.63 9.41
CA PHE A 28 -20.41 -11.17 9.76
C PHE A 28 -20.33 -9.77 10.37
N ASP A 29 -21.48 -9.09 10.45
CA ASP A 29 -21.55 -7.81 11.14
C ASP A 29 -21.78 -7.97 12.64
N GLY A 30 -21.69 -9.19 13.15
CA GLY A 30 -21.99 -9.48 14.54
C GLY A 30 -22.86 -10.71 14.62
N PRO A 31 -23.11 -11.20 15.84
CA PRO A 31 -23.91 -12.43 15.95
C PRO A 31 -25.31 -12.34 15.35
N ASP A 32 -25.93 -11.17 15.32
CA ASP A 32 -27.26 -11.00 14.76
C ASP A 32 -27.26 -10.67 13.26
N ASP A 33 -26.39 -11.32 12.49
CA ASP A 33 -26.32 -11.13 11.05
C ASP A 33 -26.96 -12.32 10.36
N ALA A 34 -27.74 -12.05 9.31
CA ALA A 34 -28.56 -13.06 8.65
C ALA A 34 -27.91 -13.60 7.38
N ALA A 35 -26.59 -13.49 7.27
CA ALA A 35 -25.87 -14.03 6.12
C ALA A 35 -25.65 -15.53 6.27
N THR A 36 -25.76 -16.26 5.16
CA THR A 36 -25.47 -17.68 5.17
C THR A 36 -23.98 -17.90 5.45
N LEU A 37 -23.66 -19.09 5.97
CA LEU A 37 -22.24 -19.42 6.16
C LEU A 37 -21.49 -19.30 4.84
N ALA A 38 -22.03 -19.92 3.78
CA ALA A 38 -21.39 -19.84 2.47
C ALA A 38 -21.33 -18.40 1.99
N GLU A 39 -22.31 -17.57 2.37
CA GLU A 39 -22.27 -16.16 2.01
C GLU A 39 -21.20 -15.44 2.82
N ALA A 40 -21.17 -15.70 4.14
CA ALA A 40 -20.17 -15.07 4.98
C ALA A 40 -18.77 -15.49 4.57
N ALA A 41 -18.61 -16.69 4.01
CA ALA A 41 -17.31 -17.13 3.53
C ALA A 41 -16.88 -16.33 2.29
N ASP A 42 -17.81 -16.11 1.36
CA ASP A 42 -17.47 -15.27 0.21
C ASP A 42 -17.24 -13.83 0.63
N ARG A 43 -17.90 -13.36 1.68
CA ARG A 43 -17.64 -12.01 2.19
C ARG A 43 -16.22 -11.91 2.75
N LEU A 44 -15.71 -12.99 3.35
CA LEU A 44 -14.34 -12.95 3.86
C LEU A 44 -13.33 -12.89 2.72
N THR A 45 -13.58 -13.63 1.65
CA THR A 45 -12.73 -13.50 0.46
C THR A 45 -12.71 -12.06 -0.03
N ASP A 46 -13.88 -11.42 -0.09
CA ASP A 46 -13.95 -10.02 -0.50
C ASP A 46 -13.15 -9.12 0.44
N GLN A 47 -13.24 -9.36 1.75
CA GLN A 47 -12.54 -8.52 2.71
C GLN A 47 -11.03 -8.60 2.53
N LEU A 48 -10.51 -9.76 2.13
CA LEU A 48 -9.08 -9.89 1.91
C LEU A 48 -8.66 -9.29 0.57
N ILE A 49 -9.53 -9.37 -0.43
CA ILE A 49 -9.23 -8.75 -1.72
C ILE A 49 -8.95 -7.27 -1.55
N ALA A 50 -9.63 -6.60 -0.62
CA ALA A 50 -9.40 -5.19 -0.39
C ALA A 50 -8.00 -4.90 0.13
N ARG A 51 -7.33 -5.91 0.68
CA ARG A 51 -5.98 -5.75 1.21
C ARG A 51 -4.91 -6.15 0.22
N LEU A 52 -5.28 -6.55 -1.00
CA LEU A 52 -4.35 -7.00 -2.03
C LEU A 52 -4.46 -6.08 -3.24
N PRO A 53 -3.68 -4.99 -3.29
CA PRO A 53 -3.74 -4.08 -4.46
C PRO A 53 -2.98 -4.60 -5.67
N VAL A 54 -3.59 -5.54 -6.38
CA VAL A 54 -3.08 -6.06 -7.64
C VAL A 54 -4.09 -5.71 -8.74
N VAL A 55 -3.60 -5.65 -9.97
CA VAL A 55 -4.40 -5.25 -11.12
C VAL A 55 -4.28 -6.33 -12.20
N ARG A 56 -5.08 -6.16 -13.25
CA ARG A 56 -5.15 -7.18 -14.29
C ARG A 56 -3.75 -7.52 -14.81
N ASP A 57 -3.54 -8.82 -15.05
CA ASP A 57 -2.32 -9.41 -15.59
C ASP A 57 -1.22 -9.58 -14.54
N HIS A 58 -1.46 -9.19 -13.29
CA HIS A 58 -0.51 -9.52 -12.23
C HIS A 58 -0.58 -11.02 -11.94
N ARG A 59 0.54 -11.56 -11.47
CA ARG A 59 0.66 -12.97 -11.14
C ARG A 59 0.59 -13.13 -9.63
N VAL A 60 -0.33 -13.95 -9.14
CA VAL A 60 -0.57 -14.09 -7.71
C VAL A 60 -0.37 -15.55 -7.30
N LEU A 61 0.24 -15.74 -6.13
CA LEU A 61 0.44 -17.06 -5.55
C LEU A 61 -0.56 -17.27 -4.42
N ASP A 62 -1.41 -18.29 -4.55
CA ASP A 62 -2.38 -18.66 -3.53
C ASP A 62 -1.73 -19.73 -2.65
N VAL A 63 -1.15 -19.33 -1.53
CA VAL A 63 -0.52 -20.26 -0.61
C VAL A 63 -1.62 -20.93 0.23
N GLY A 64 -1.75 -22.25 0.07
CA GLY A 64 -2.86 -22.97 0.68
C GLY A 64 -4.15 -22.69 -0.07
N CYS A 65 -4.27 -23.28 -1.26
CA CYS A 65 -5.32 -22.91 -2.20
C CYS A 65 -6.65 -23.57 -1.93
N GLY A 66 -6.68 -24.61 -1.11
CA GLY A 66 -7.92 -25.36 -0.94
C GLY A 66 -8.32 -26.02 -2.23
N VAL A 67 -9.61 -25.94 -2.55
CA VAL A 67 -10.13 -26.46 -3.82
C VAL A 67 -10.25 -25.37 -4.87
N GLY A 68 -9.73 -24.18 -4.60
CA GLY A 68 -9.49 -23.17 -5.62
C GLY A 68 -10.54 -22.10 -5.78
N LYS A 69 -11.61 -22.11 -5.02
CA LYS A 69 -12.64 -21.10 -5.24
C LYS A 69 -12.15 -19.70 -4.95
N PRO A 70 -11.44 -19.42 -3.85
CA PRO A 70 -10.87 -18.07 -3.69
C PRO A 70 -9.96 -17.69 -4.84
N ALA A 71 -9.09 -18.61 -5.27
CA ALA A 71 -8.22 -18.34 -6.42
C ALA A 71 -9.04 -17.96 -7.65
N LEU A 72 -10.07 -18.75 -7.97
CA LEU A 72 -10.86 -18.47 -9.16
C LEU A 72 -11.58 -17.13 -9.01
N ARG A 73 -12.06 -16.82 -7.81
CA ARG A 73 -12.70 -15.53 -7.61
C ARG A 73 -11.70 -14.40 -7.86
N LEU A 74 -10.46 -14.58 -7.45
CA LEU A 74 -9.44 -13.56 -7.69
C LEU A 74 -9.30 -13.27 -9.17
N ALA A 75 -9.14 -14.31 -9.99
CA ALA A 75 -8.97 -14.11 -11.42
C ALA A 75 -10.18 -13.46 -12.06
N GLY A 76 -11.37 -13.71 -11.52
CA GLY A 76 -12.58 -13.15 -12.07
C GLY A 76 -12.78 -11.69 -11.74
N ASP A 77 -12.53 -11.32 -10.48
CA ASP A 77 -12.74 -9.94 -10.06
C ASP A 77 -11.63 -9.03 -10.56
N LEU A 78 -10.37 -9.44 -10.38
CA LEU A 78 -9.23 -8.59 -10.62
C LEU A 78 -8.48 -8.91 -11.91
N GLY A 79 -8.71 -10.07 -12.51
CA GLY A 79 -8.05 -10.40 -13.76
C GLY A 79 -6.61 -10.84 -13.61
N VAL A 80 -6.24 -11.37 -12.46
CA VAL A 80 -4.87 -11.77 -12.21
C VAL A 80 -4.69 -13.22 -12.64
N ARG A 81 -3.46 -13.56 -13.03
CA ARG A 81 -3.08 -14.95 -13.18
C ARG A 81 -2.79 -15.49 -11.79
N VAL A 82 -3.17 -16.73 -11.53
CA VAL A 82 -3.06 -17.28 -10.20
C VAL A 82 -2.45 -18.68 -10.27
N VAL A 83 -1.46 -18.92 -9.42
CA VAL A 83 -0.91 -20.25 -9.20
C VAL A 83 -1.15 -20.57 -7.73
N GLY A 84 -1.93 -21.62 -7.48
CA GLY A 84 -2.25 -22.03 -6.13
C GLY A 84 -1.44 -23.26 -5.75
N VAL A 85 -1.00 -23.32 -4.50
CA VAL A 85 -0.21 -24.43 -4.00
C VAL A 85 -0.87 -25.00 -2.76
N SER A 86 -0.74 -26.31 -2.61
CA SER A 86 -1.30 -27.07 -1.51
C SER A 86 -0.40 -28.28 -1.33
N ILE A 87 -0.64 -29.03 -0.26
CA ILE A 87 0.05 -30.29 -0.03
C ILE A 87 -0.90 -31.47 -0.10
N SER A 88 -2.10 -31.26 -0.61
CA SER A 88 -3.09 -32.31 -0.82
C SER A 88 -3.25 -32.54 -2.32
N GLU A 89 -2.67 -33.64 -2.82
CA GLU A 89 -2.85 -33.99 -4.22
C GLU A 89 -4.33 -34.11 -4.59
N ALA A 90 -5.16 -34.55 -3.64
CA ALA A 90 -6.59 -34.64 -3.91
C ALA A 90 -7.17 -33.26 -4.17
N GLN A 91 -6.83 -32.28 -3.34
CA GLN A 91 -7.37 -30.94 -3.50
C GLN A 91 -6.93 -30.30 -4.81
N ILE A 92 -5.67 -30.54 -5.20
CA ILE A 92 -5.15 -29.93 -6.42
C ILE A 92 -5.93 -30.41 -7.64
N GLY A 93 -6.27 -31.70 -7.68
CA GLY A 93 -7.02 -32.21 -8.81
C GLY A 93 -8.40 -31.60 -8.91
N ILE A 94 -9.04 -31.39 -7.75
CA ILE A 94 -10.34 -30.72 -7.74
C ILE A 94 -10.19 -29.26 -8.13
N ALA A 95 -9.13 -28.60 -7.64
CA ALA A 95 -8.96 -27.18 -7.93
C ALA A 95 -8.67 -26.92 -9.40
N ASN A 96 -7.87 -27.78 -10.04
CA ASN A 96 -7.57 -27.56 -11.45
C ASN A 96 -8.78 -27.81 -12.34
N GLU A 97 -9.62 -28.78 -11.98
CA GLU A 97 -10.85 -29.00 -12.75
C GLU A 97 -11.81 -27.82 -12.58
N ALA A 98 -11.92 -27.28 -11.35
CA ALA A 98 -12.75 -26.11 -11.15
C ALA A 98 -12.30 -24.96 -12.04
N ALA A 99 -10.98 -24.83 -12.24
CA ALA A 99 -10.45 -23.80 -13.11
C ALA A 99 -10.77 -24.10 -14.57
N ARG A 100 -10.59 -25.37 -14.98
CA ARG A 100 -10.99 -25.76 -16.32
C ARG A 100 -12.49 -25.53 -16.52
N ALA A 101 -13.28 -25.77 -15.47
CA ALA A 101 -14.73 -25.63 -15.58
C ALA A 101 -15.13 -24.17 -15.80
N ALA A 102 -14.46 -23.25 -15.11
CA ALA A 102 -14.73 -21.83 -15.28
C ALA A 102 -14.02 -21.26 -16.51
N GLY A 103 -13.32 -22.09 -17.27
CA GLY A 103 -12.62 -21.61 -18.44
C GLY A 103 -11.43 -20.74 -18.16
N LEU A 104 -10.73 -21.00 -17.05
CA LEU A 104 -9.61 -20.18 -16.62
C LEU A 104 -8.30 -20.95 -16.58
N ALA A 105 -8.26 -22.14 -17.17
CA ALA A 105 -7.06 -22.99 -17.06
C ALA A 105 -5.83 -22.29 -17.60
N ASP A 106 -6.00 -21.39 -18.57
CA ASP A 106 -4.89 -20.63 -19.12
C ASP A 106 -4.45 -19.51 -18.19
N ARG A 107 -5.25 -19.19 -17.18
CA ARG A 107 -4.95 -18.14 -16.21
C ARG A 107 -4.67 -18.67 -14.82
N VAL A 108 -5.31 -19.78 -14.44
CA VAL A 108 -5.28 -20.28 -13.08
C VAL A 108 -4.84 -21.74 -13.12
N SER A 109 -3.81 -22.07 -12.35
CA SER A 109 -3.29 -23.41 -12.26
C SER A 109 -2.99 -23.72 -10.80
N PHE A 110 -2.92 -25.01 -10.48
CA PHE A 110 -2.65 -25.45 -9.12
C PHE A 110 -1.64 -26.58 -9.17
N ARG A 111 -0.65 -26.54 -8.28
CA ARG A 111 0.40 -27.54 -8.23
C ARG A 111 0.74 -27.87 -6.79
N TYR A 112 1.40 -29.01 -6.59
CA TYR A 112 1.83 -29.39 -5.25
C TYR A 112 3.02 -28.52 -4.83
N ALA A 113 3.00 -28.10 -3.58
CA ALA A 113 4.12 -27.33 -3.03
C ALA A 113 3.91 -27.19 -1.54
N ASP A 114 4.99 -27.33 -0.78
CA ASP A 114 4.99 -27.05 0.64
C ASP A 114 5.46 -25.61 0.80
N ALA A 115 4.64 -24.79 1.46
CA ALA A 115 4.91 -23.36 1.53
C ALA A 115 6.24 -23.04 2.18
N MET A 116 6.88 -24.00 2.84
CA MET A 116 8.15 -23.75 3.52
C MET A 116 9.35 -23.92 2.60
N ARG A 117 9.17 -24.54 1.44
CA ARG A 117 10.20 -24.65 0.40
C ARG A 117 9.45 -24.40 -0.92
N LEU A 118 9.24 -23.13 -1.24
CA LEU A 118 8.45 -22.78 -2.41
C LEU A 118 9.23 -23.08 -3.67
N PRO A 119 8.66 -23.87 -4.62
CA PRO A 119 9.40 -24.30 -5.82
C PRO A 119 9.30 -23.29 -6.97
N PHE A 120 9.58 -22.03 -6.68
CA PHE A 120 9.51 -20.96 -7.66
C PHE A 120 10.75 -20.11 -7.62
N PRO A 121 11.13 -19.51 -8.74
CA PRO A 121 12.28 -18.60 -8.74
C PRO A 121 11.96 -17.33 -7.97
N ASP A 122 13.03 -16.61 -7.62
CA ASP A 122 12.86 -15.36 -6.88
C ASP A 122 12.04 -14.36 -7.69
N ALA A 123 11.31 -13.51 -6.97
CA ALA A 123 10.60 -12.38 -7.56
C ALA A 123 9.81 -12.79 -8.80
N SER A 124 9.09 -13.91 -8.68
CA SER A 124 8.30 -14.45 -9.77
C SER A 124 6.83 -14.11 -9.65
N PHE A 125 6.43 -13.45 -8.55
CA PHE A 125 5.03 -13.14 -8.30
C PHE A 125 4.89 -11.66 -7.93
N ASP A 126 3.82 -11.05 -8.42
CA ASP A 126 3.51 -9.68 -8.07
C ASP A 126 2.71 -9.59 -6.76
N GLY A 127 2.03 -10.66 -6.38
CA GLY A 127 1.27 -10.67 -5.13
C GLY A 127 1.20 -12.08 -4.57
N VAL A 128 0.97 -12.16 -3.25
CA VAL A 128 0.81 -13.43 -2.57
C VAL A 128 -0.45 -13.37 -1.72
N TRP A 129 -1.18 -14.49 -1.64
CA TRP A 129 -2.51 -14.56 -1.06
C TRP A 129 -2.57 -15.79 -0.17
N ALA A 130 -2.65 -15.57 1.14
CA ALA A 130 -2.60 -16.64 2.13
C ALA A 130 -3.86 -16.57 3.00
N MET A 131 -4.96 -17.14 2.51
CA MET A 131 -6.22 -17.10 3.24
C MET A 131 -6.29 -18.28 4.20
N GLU A 132 -6.17 -18.01 5.50
CA GLU A 132 -6.45 -18.99 6.54
C GLU A 132 -5.64 -20.27 6.33
N SER A 133 -4.34 -20.09 6.09
CA SER A 133 -3.49 -21.23 5.80
C SER A 133 -2.19 -21.22 6.60
N LEU A 134 -1.70 -20.03 6.96
CA LEU A 134 -0.37 -19.95 7.58
C LEU A 134 -0.35 -20.53 8.99
N HIS A 135 -1.49 -20.76 9.63
CA HIS A 135 -1.48 -21.36 10.95
C HIS A 135 -1.22 -22.86 10.89
N HIS A 136 -1.19 -23.46 9.70
CA HIS A 136 -0.83 -24.86 9.53
C HIS A 136 0.67 -25.08 9.42
N MET A 137 1.46 -24.01 9.44
CA MET A 137 2.91 -24.08 9.25
C MET A 137 3.61 -24.35 10.58
N PRO A 138 4.51 -25.35 10.63
CA PRO A 138 5.31 -25.50 11.86
C PRO A 138 6.25 -24.33 12.09
N ASP A 139 6.87 -23.81 11.04
CA ASP A 139 7.73 -22.63 11.08
C ASP A 139 7.08 -21.56 10.22
N ARG A 140 6.26 -20.71 10.84
CA ARG A 140 5.59 -19.65 10.08
C ARG A 140 6.58 -18.62 9.55
N LEU A 141 7.67 -18.36 10.29
CA LEU A 141 8.65 -17.38 9.83
C LEU A 141 9.31 -17.83 8.54
N GLN A 142 9.58 -19.13 8.39
CA GLN A 142 10.17 -19.61 7.15
C GLN A 142 9.19 -19.51 5.99
N ALA A 143 7.89 -19.65 6.26
CA ALA A 143 6.91 -19.48 5.19
C ALA A 143 6.85 -18.03 4.73
N LEU A 144 6.91 -17.09 5.67
CA LEU A 144 6.92 -15.68 5.30
C LEU A 144 8.22 -15.30 4.60
N ARG A 145 9.32 -15.96 4.96
CA ARG A 145 10.58 -15.68 4.28
C ARG A 145 10.56 -16.19 2.85
N GLU A 146 10.00 -17.38 2.63
CA GLU A 146 9.82 -17.85 1.26
C GLU A 146 8.85 -16.97 0.49
N ILE A 147 7.82 -16.45 1.17
CA ILE A 147 6.85 -15.59 0.50
C ILE A 147 7.53 -14.31 0.02
N ALA A 148 8.33 -13.69 0.89
CA ALA A 148 9.02 -12.47 0.50
C ALA A 148 10.02 -12.74 -0.63
N ARG A 149 10.61 -13.94 -0.65
CA ARG A 149 11.57 -14.26 -1.69
C ARG A 149 10.92 -14.34 -3.07
N VAL A 150 9.79 -15.05 -3.18
CA VAL A 150 9.12 -15.16 -4.47
C VAL A 150 8.38 -13.89 -4.86
N LEU A 151 8.16 -12.97 -3.92
CA LEU A 151 7.57 -11.69 -4.23
C LEU A 151 8.60 -10.78 -4.89
N ARG A 152 8.22 -10.14 -5.98
CA ARG A 152 9.13 -9.18 -6.60
C ARG A 152 9.18 -7.93 -5.72
N HIS A 153 10.24 -7.15 -5.92
CA HIS A 153 10.36 -5.90 -5.18
C HIS A 153 9.13 -5.04 -5.45
N GLY A 154 8.48 -4.59 -4.39
CA GLY A 154 7.23 -3.87 -4.51
C GLY A 154 6.00 -4.75 -4.53
N GLY A 155 6.19 -6.07 -4.49
CA GLY A 155 5.07 -6.97 -4.43
C GLY A 155 4.33 -6.86 -3.11
N VAL A 156 3.10 -7.35 -3.12
CA VAL A 156 2.20 -7.20 -1.99
C VAL A 156 1.78 -8.57 -1.47
N LEU A 157 1.40 -8.59 -0.20
CA LEU A 157 0.96 -9.78 0.49
C LEU A 157 -0.32 -9.43 1.25
N SER A 158 -1.25 -10.37 1.28
CA SER A 158 -2.48 -10.21 2.05
C SER A 158 -2.71 -11.50 2.82
N ILE A 159 -2.72 -11.42 4.14
CA ILE A 159 -2.87 -12.59 5.00
C ILE A 159 -4.20 -12.48 5.74
N ALA A 160 -4.93 -13.59 5.77
CA ALA A 160 -6.04 -13.81 6.70
C ALA A 160 -5.65 -15.00 7.55
N ASP A 161 -5.80 -14.88 8.87
CA ASP A 161 -5.35 -15.95 9.75
C ASP A 161 -5.95 -15.78 11.14
N PHE A 162 -5.76 -16.81 11.96
CA PHE A 162 -6.10 -16.75 13.36
C PHE A 162 -5.05 -15.95 14.14
N VAL A 163 -5.44 -15.49 15.33
CA VAL A 163 -4.52 -14.89 16.28
C VAL A 163 -5.04 -15.19 17.68
N GLN A 164 -4.17 -15.06 18.66
CA GLN A 164 -4.54 -15.14 20.07
C GLN A 164 -4.53 -13.73 20.64
N LEU A 165 -5.66 -13.28 21.16
CA LEU A 165 -5.76 -11.91 21.65
C LEU A 165 -5.11 -11.72 23.02
N GLY A 166 -4.87 -12.82 23.74
CA GLY A 166 -4.23 -12.76 25.02
C GLY A 166 -4.13 -14.13 25.65
N PRO A 167 -3.61 -14.19 26.88
CA PRO A 167 -3.52 -15.48 27.57
C PRO A 167 -4.91 -16.00 27.93
N VAL A 168 -5.06 -17.31 27.89
CA VAL A 168 -6.33 -17.95 28.20
C VAL A 168 -6.39 -18.28 29.68
N ARG A 169 -7.56 -18.07 30.27
CA ARG A 169 -7.81 -18.44 31.66
C ARG A 169 -7.90 -19.95 31.82
N GLU A 170 -7.56 -20.40 33.02
CA GLU A 170 -7.49 -21.83 33.31
C GLU A 170 -8.72 -22.59 32.83
N GLN A 171 -9.91 -22.00 33.01
CA GLN A 171 -11.14 -22.73 32.72
C GLN A 171 -11.32 -23.02 31.24
N ASP A 172 -10.66 -22.25 30.38
CA ASP A 172 -10.74 -22.42 28.93
C ASP A 172 -9.51 -23.09 28.34
N GLU A 173 -8.58 -23.56 29.18
CA GLU A 173 -7.35 -24.15 28.67
C GLU A 173 -7.65 -25.34 27.75
N GLU A 174 -8.58 -26.21 28.17
CA GLU A 174 -8.86 -27.42 27.40
C GLU A 174 -9.59 -27.12 26.10
N ALA A 175 -10.38 -26.06 26.06
CA ALA A 175 -11.06 -25.71 24.81
C ALA A 175 -10.05 -25.19 23.78
N LEU A 176 -9.10 -24.36 24.22
CA LEU A 176 -8.04 -23.93 23.31
C LEU A 176 -7.28 -25.13 22.75
N ARG A 177 -6.83 -26.02 23.63
CA ARG A 177 -6.07 -27.19 23.18
C ARG A 177 -6.85 -28.00 22.15
N ALA A 178 -8.15 -28.21 22.38
CA ALA A 178 -8.93 -28.97 21.40
C ALA A 178 -9.01 -28.21 20.08
N PHE A 179 -9.09 -26.88 20.13
CA PHE A 179 -9.13 -26.09 18.90
C PHE A 179 -7.84 -26.20 18.12
N ARG A 180 -6.71 -26.23 18.82
CA ARG A 180 -5.42 -26.22 18.14
C ARG A 180 -5.09 -27.59 17.57
N SER A 181 -5.41 -28.66 18.31
CA SER A 181 -5.09 -30.00 17.82
C SER A 181 -6.03 -30.44 16.69
N GLY A 182 -7.32 -30.15 16.83
CA GLY A 182 -8.26 -30.53 15.78
C GLY A 182 -8.17 -29.64 14.55
N GLY A 183 -8.00 -28.35 14.75
CA GLY A 183 -7.91 -27.41 13.66
C GLY A 183 -6.56 -27.32 12.99
N GLY A 184 -5.59 -28.12 13.41
CA GLY A 184 -4.26 -28.11 12.83
C GLY A 184 -3.58 -26.76 12.97
N VAL A 185 -3.69 -26.14 14.15
CA VAL A 185 -3.18 -24.82 14.37
C VAL A 185 -1.78 -24.92 14.96
N HIS A 186 -0.81 -25.23 14.11
CA HIS A 186 0.54 -25.43 14.60
C HIS A 186 1.15 -24.11 15.10
N THR A 187 0.85 -22.99 14.44
CA THR A 187 1.30 -21.68 14.89
C THR A 187 0.11 -20.79 15.20
N LEU A 188 0.08 -20.25 16.42
CA LEU A 188 -0.94 -19.29 16.83
C LEU A 188 -0.26 -18.28 17.75
N THR A 189 -0.23 -17.01 17.34
CA THR A 189 0.38 -15.96 18.12
C THR A 189 -0.55 -14.76 18.16
N GLY A 190 -0.18 -13.77 18.98
CA GLY A 190 -0.89 -12.51 19.02
C GLY A 190 -0.52 -11.60 17.87
N ILE A 191 -1.25 -10.49 17.76
CA ILE A 191 -1.03 -9.58 16.64
C ILE A 191 0.37 -9.00 16.69
N ALA A 192 0.84 -8.61 17.88
CA ALA A 192 2.17 -8.04 17.99
C ALA A 192 3.22 -9.01 17.45
N GLU A 193 3.18 -10.26 17.92
CA GLU A 193 4.13 -11.26 17.46
C GLU A 193 3.97 -11.52 15.96
N TYR A 194 2.74 -11.39 15.45
CA TYR A 194 2.51 -11.58 14.02
C TYR A 194 3.12 -10.44 13.20
N GLU A 195 2.87 -9.19 13.62
CA GLU A 195 3.40 -8.04 12.90
C GLU A 195 4.92 -8.04 12.91
N ALA A 196 5.53 -8.59 13.97
CA ALA A 196 6.98 -8.61 14.07
C ALA A 196 7.59 -9.61 13.10
N GLU A 197 6.97 -10.79 12.96
CA GLU A 197 7.50 -11.77 12.02
C GLU A 197 7.49 -11.23 10.60
N ILE A 198 6.40 -10.56 10.21
CA ILE A 198 6.32 -10.01 8.86
C ILE A 198 7.49 -9.09 8.60
N ALA A 199 7.81 -8.23 9.57
CA ALA A 199 8.96 -7.35 9.42
C ALA A 199 10.25 -8.15 9.33
N ASP A 200 10.41 -9.16 10.20
CA ASP A 200 11.64 -9.94 10.20
C ASP A 200 11.82 -10.74 8.92
N ALA A 201 10.74 -10.97 8.17
CA ALA A 201 10.83 -11.66 6.89
C ALA A 201 11.22 -10.73 5.75
N GLY A 202 11.26 -9.42 5.98
CA GLY A 202 11.63 -8.47 4.95
C GLY A 202 10.48 -7.68 4.36
N LEU A 203 9.29 -7.79 4.93
CA LEU A 203 8.09 -7.14 4.40
C LEU A 203 7.70 -5.96 5.25
N THR A 204 7.29 -4.87 4.60
CA THR A 204 6.85 -3.66 5.29
C THR A 204 5.34 -3.70 5.47
N LEU A 205 4.90 -3.75 6.72
CA LEU A 205 3.47 -3.83 7.02
C LEU A 205 2.72 -2.59 6.51
N THR A 206 1.56 -2.82 5.90
CA THR A 206 0.71 -1.75 5.39
C THR A 206 -0.70 -1.76 5.97
N SER A 207 -1.23 -2.91 6.38
CA SER A 207 -2.52 -2.98 7.03
C SER A 207 -2.49 -4.00 8.16
N SER A 208 -3.40 -3.81 9.12
CA SER A 208 -3.57 -4.75 10.21
C SER A 208 -4.98 -4.55 10.75
N SER A 209 -5.85 -5.53 10.52
CA SER A 209 -7.26 -5.42 10.87
C SER A 209 -7.61 -6.56 11.82
N ASP A 210 -8.05 -6.22 13.03
CA ASP A 210 -8.57 -7.19 13.97
C ASP A 210 -10.06 -7.33 13.71
N ILE A 211 -10.44 -8.45 13.09
CA ILE A 211 -11.83 -8.71 12.73
C ILE A 211 -12.32 -9.91 13.53
N SER A 212 -11.85 -10.03 14.77
CA SER A 212 -12.19 -11.19 15.58
C SER A 212 -13.69 -11.30 15.82
N ALA A 213 -14.34 -10.18 16.14
CA ALA A 213 -15.77 -10.23 16.42
C ALA A 213 -16.58 -10.55 15.18
N ASN A 214 -16.08 -10.17 14.01
CA ASN A 214 -16.75 -10.48 12.75
C ASN A 214 -16.64 -11.96 12.37
N VAL A 215 -15.65 -12.68 12.88
CA VAL A 215 -15.42 -14.07 12.51
C VAL A 215 -15.85 -15.03 13.59
N ARG A 216 -15.88 -14.61 14.85
CA ARG A 216 -16.23 -15.51 15.93
C ARG A 216 -17.54 -16.25 15.69
N PRO A 217 -18.59 -15.65 15.13
CA PRO A 217 -19.81 -16.43 14.84
C PRO A 217 -19.54 -17.64 13.95
N SER A 218 -18.53 -17.59 13.08
CA SER A 218 -18.29 -18.70 12.17
C SER A 218 -18.12 -20.01 12.93
N MET A 219 -17.55 -19.95 14.13
CA MET A 219 -17.33 -21.16 14.91
C MET A 219 -18.65 -21.85 15.22
N VAL A 220 -19.60 -21.12 15.82
CA VAL A 220 -20.87 -21.73 16.20
C VAL A 220 -21.67 -22.15 14.97
N ARG A 221 -21.73 -21.27 13.97
CA ARG A 221 -22.56 -21.54 12.80
C ARG A 221 -22.01 -22.69 11.97
N THR A 222 -20.67 -22.86 11.94
CA THR A 222 -20.10 -24.01 11.24
C THR A 222 -20.51 -25.32 11.90
N ALA A 223 -20.53 -25.35 13.24
CA ALA A 223 -21.02 -26.53 13.93
C ALA A 223 -22.45 -26.87 13.51
N GLU A 224 -23.31 -25.84 13.43
CA GLU A 224 -24.70 -26.09 13.05
C GLU A 224 -24.77 -26.63 11.63
N ALA A 225 -23.90 -26.14 10.73
CA ALA A 225 -23.90 -26.66 9.37
C ALA A 225 -23.45 -28.11 9.32
N ILE A 226 -22.47 -28.48 10.15
CA ILE A 226 -22.00 -29.86 10.18
C ILE A 226 -23.14 -30.79 10.61
N ARG A 227 -23.82 -30.47 11.72
CA ARG A 227 -24.96 -31.27 12.12
C ARG A 227 -25.94 -31.45 10.96
N GLY A 228 -26.25 -30.35 10.26
CA GLY A 228 -27.13 -30.46 9.12
C GLY A 228 -26.55 -31.32 8.01
N ALA A 229 -25.22 -31.37 7.93
CA ALA A 229 -24.52 -32.19 6.93
C ALA A 229 -24.05 -33.52 7.50
N ALA A 230 -24.67 -34.01 8.57
CA ALA A 230 -24.27 -35.29 9.15
C ALA A 230 -24.27 -36.40 8.10
N ASP A 231 -25.22 -36.35 7.15
CA ASP A 231 -25.29 -37.36 6.11
C ASP A 231 -23.97 -37.45 5.35
N ALA A 232 -23.30 -36.31 5.13
CA ALA A 232 -22.08 -36.29 4.34
C ALA A 232 -20.85 -36.62 5.17
N PHE A 233 -20.85 -36.30 6.46
CA PHE A 233 -19.70 -36.48 7.34
C PHE A 233 -19.66 -37.88 7.96
N LEU A 234 -20.81 -38.38 8.40
CA LEU A 234 -20.86 -39.62 9.18
C LEU A 234 -20.14 -40.78 8.51
N PRO A 235 -20.34 -41.05 7.22
CA PRO A 235 -19.67 -42.21 6.61
C PRO A 235 -18.15 -42.16 6.67
N LEU A 236 -17.58 -40.95 6.74
CA LEU A 236 -16.14 -40.78 6.72
C LEU A 236 -15.48 -40.82 8.09
N MET A 237 -16.24 -40.60 9.17
CA MET A 237 -15.70 -40.53 10.52
C MET A 237 -16.33 -41.53 11.47
N GLY A 238 -17.66 -41.65 11.47
CA GLY A 238 -18.35 -42.41 12.48
C GLY A 238 -18.90 -41.51 13.58
N GLU A 239 -19.97 -41.99 14.23
CA GLU A 239 -20.67 -41.18 15.22
C GLU A 239 -19.70 -40.61 16.26
N GLU A 240 -18.81 -41.45 16.80
CA GLU A 240 -17.89 -40.97 17.82
C GLU A 240 -16.90 -39.95 17.27
N GLY A 241 -16.51 -40.09 16.02
CA GLY A 241 -15.55 -39.19 15.43
C GLY A 241 -16.21 -37.89 15.03
N LEU A 242 -17.44 -37.98 14.54
CA LEU A 242 -18.21 -36.79 14.19
C LEU A 242 -18.65 -36.00 15.41
N ARG A 243 -19.08 -36.66 16.48
CA ARG A 243 -19.47 -35.90 17.67
C ARG A 243 -18.29 -35.11 18.21
N ARG A 244 -17.08 -35.66 18.13
CA ARG A 244 -15.92 -34.93 18.63
C ARG A 244 -15.59 -33.74 17.72
N LEU A 245 -15.65 -33.95 16.39
CA LEU A 245 -15.45 -32.84 15.47
C LEU A 245 -16.36 -31.68 15.81
N ILE A 246 -17.66 -31.94 15.91
CA ILE A 246 -18.62 -30.92 16.30
C ILE A 246 -18.21 -30.29 17.62
N ASP A 247 -17.84 -31.12 18.60
CA ASP A 247 -17.51 -30.60 19.92
C ASP A 247 -16.30 -29.68 19.86
N ASN A 248 -15.32 -30.02 19.02
CA ASN A 248 -14.13 -29.18 18.88
C ASN A 248 -14.52 -27.76 18.48
N PHE A 249 -15.42 -27.62 17.50
CA PHE A 249 -15.90 -26.31 17.12
C PHE A 249 -16.68 -25.65 18.25
N GLU A 250 -17.62 -26.37 18.85
CA GLU A 250 -18.44 -25.79 19.90
C GLU A 250 -17.59 -25.32 21.08
N ARG A 251 -16.53 -26.08 21.43
CA ARG A 251 -15.69 -25.61 22.52
C ARG A 251 -14.86 -24.41 22.08
N ALA A 252 -14.37 -24.42 20.84
CA ALA A 252 -13.54 -23.31 20.38
C ALA A 252 -14.30 -21.99 20.44
N ALA A 253 -15.61 -22.02 20.24
CA ALA A 253 -16.42 -20.81 20.30
C ALA A 253 -16.50 -20.24 21.72
N THR A 254 -16.19 -21.05 22.74
CA THR A 254 -16.24 -20.57 24.12
C THR A 254 -14.95 -19.86 24.53
N VAL A 255 -13.90 -19.89 23.72
CA VAL A 255 -12.66 -19.20 24.00
C VAL A 255 -12.74 -17.81 23.37
N PRO A 256 -12.88 -16.74 24.16
CA PRO A 256 -12.92 -15.39 23.55
C PRO A 256 -11.58 -14.87 23.10
N GLN A 257 -10.48 -15.50 23.50
CA GLN A 257 -9.16 -15.08 23.05
C GLN A 257 -8.81 -15.59 21.65
N ILE A 258 -9.68 -16.39 21.04
CA ILE A 258 -9.47 -16.84 19.67
C ILE A 258 -9.97 -15.76 18.72
N GLY A 259 -9.03 -15.06 18.08
CA GLY A 259 -9.37 -13.98 17.18
C GLY A 259 -8.98 -14.23 15.74
N TYR A 260 -9.03 -13.19 14.93
CA TYR A 260 -8.80 -13.30 13.49
C TYR A 260 -8.33 -11.95 13.00
N ALA A 261 -7.32 -11.94 12.12
CA ALA A 261 -6.74 -10.71 11.64
C ALA A 261 -6.54 -10.74 10.14
N LEU A 262 -6.60 -9.56 9.52
CA LEU A 262 -6.27 -9.37 8.12
C LEU A 262 -5.04 -8.47 8.05
N PHE A 263 -3.97 -8.98 7.45
CA PHE A 263 -2.74 -8.21 7.28
C PHE A 263 -2.50 -7.93 5.80
N ALA A 264 -1.80 -6.83 5.55
CA ALA A 264 -1.32 -6.49 4.22
C ALA A 264 0.11 -5.98 4.37
N ALA A 265 0.99 -6.40 3.47
CA ALA A 265 2.38 -5.96 3.53
C ALA A 265 2.92 -5.80 2.12
N ARG A 266 4.07 -5.13 2.04
CA ARG A 266 4.73 -4.80 0.78
C ARG A 266 6.19 -5.21 0.93
N ARG A 267 6.83 -5.55 -0.19
CA ARG A 267 8.25 -5.90 -0.15
C ARG A 267 9.07 -4.60 -0.25
N SER A 268 9.58 -4.16 0.90
CA SER A 268 10.33 -2.91 1.03
C SER A 268 9.62 -1.78 0.29
N GLN B 6 21.39 10.92 -32.39
CA GLN B 6 22.28 10.57 -33.50
C GLN B 6 22.29 9.09 -33.78
N MET B 7 22.54 8.30 -32.74
CA MET B 7 22.51 6.84 -32.84
C MET B 7 21.30 6.46 -33.68
N TYR B 8 20.18 7.12 -33.41
CA TYR B 8 18.96 6.83 -34.15
C TYR B 8 19.04 7.31 -35.59
N ASP B 9 19.28 8.61 -35.80
CA ASP B 9 19.34 9.15 -37.16
C ASP B 9 20.29 8.34 -38.03
N GLN B 10 21.38 7.84 -37.43
CA GLN B 10 22.39 7.11 -38.18
C GLN B 10 21.84 5.78 -38.67
N LEU B 11 21.30 4.98 -37.75
CA LEU B 11 20.93 3.60 -38.02
C LEU B 11 19.43 3.39 -38.13
N SER B 12 18.63 4.46 -38.14
CA SER B 12 17.19 4.29 -38.20
C SER B 12 16.79 3.50 -39.45
N ASP B 13 17.34 3.88 -40.60
CA ASP B 13 17.07 3.24 -41.88
C ASP B 13 17.24 1.71 -41.83
N PRO B 14 18.43 1.19 -41.51
CA PRO B 14 18.61 -0.27 -41.58
C PRO B 14 17.78 -1.07 -40.60
N PHE B 15 17.68 -0.65 -39.33
CA PHE B 15 16.89 -1.43 -38.37
C PHE B 15 15.45 -1.57 -38.86
N ALA B 16 14.82 -0.45 -39.19
CA ALA B 16 13.57 -0.51 -39.93
C ALA B 16 13.82 -1.28 -41.22
N GLY B 17 13.14 -2.41 -41.38
CA GLY B 17 13.40 -3.30 -42.50
C GLY B 17 13.71 -4.68 -41.94
N LEU B 18 14.35 -4.71 -40.78
CA LEU B 18 14.46 -5.97 -40.05
C LEU B 18 13.09 -6.36 -39.51
N GLY B 19 12.22 -5.37 -39.26
CA GLY B 19 10.84 -5.59 -38.90
C GLY B 19 9.87 -4.91 -39.85
N ALA B 20 10.28 -4.76 -41.12
CA ALA B 20 9.44 -4.16 -42.15
C ALA B 20 9.33 -2.64 -41.98
N GLY B 21 8.76 -2.21 -40.86
CA GLY B 21 8.77 -0.81 -40.49
C GLY B 21 8.76 -0.63 -38.99
N ASN B 22 8.96 -1.73 -38.26
CA ASN B 22 8.92 -1.72 -36.82
C ASN B 22 10.32 -1.48 -36.27
N ILE B 23 10.43 -0.56 -35.31
CA ILE B 23 11.67 -0.35 -34.59
C ILE B 23 11.41 -0.76 -33.15
N HIS B 24 11.05 -2.02 -32.95
CA HIS B 24 10.81 -2.56 -31.62
C HIS B 24 10.97 -4.07 -31.69
N LEU B 25 10.99 -4.71 -30.51
CA LEU B 25 11.31 -6.12 -30.42
C LEU B 25 10.09 -6.96 -30.79
N GLY B 26 10.16 -8.26 -30.55
CA GLY B 26 9.10 -9.16 -30.95
C GLY B 26 8.51 -9.95 -29.81
N TYR B 27 7.33 -10.51 -30.03
CA TYR B 27 6.63 -11.31 -29.04
C TYR B 27 6.62 -12.74 -29.56
N PHE B 28 7.20 -13.65 -28.78
CA PHE B 28 7.26 -15.06 -29.09
C PHE B 28 6.56 -15.82 -27.97
N ASP B 29 6.21 -17.07 -28.25
CA ASP B 29 5.67 -17.93 -27.21
C ASP B 29 6.80 -18.52 -26.38
N GLY B 30 7.89 -18.88 -27.03
CA GLY B 30 9.03 -19.47 -26.39
C GLY B 30 10.24 -19.27 -27.29
N PRO B 31 11.42 -19.63 -26.81
CA PRO B 31 12.61 -19.48 -27.65
C PRO B 31 12.52 -20.26 -28.95
N ASP B 32 11.74 -21.34 -28.98
CA ASP B 32 11.62 -22.22 -30.13
C ASP B 32 10.54 -21.81 -31.11
N ASP B 33 9.67 -20.85 -30.76
CA ASP B 33 8.66 -20.38 -31.70
C ASP B 33 9.34 -20.00 -33.01
N ALA B 34 8.72 -20.41 -34.13
CA ALA B 34 9.36 -20.26 -35.44
C ALA B 34 8.86 -19.03 -36.19
N ALA B 35 8.37 -18.03 -35.47
CA ALA B 35 7.95 -16.79 -36.10
C ALA B 35 9.16 -15.93 -36.44
N THR B 36 9.11 -15.29 -37.61
CA THR B 36 10.16 -14.38 -38.02
C THR B 36 10.14 -13.15 -37.12
N LEU B 37 11.26 -12.42 -37.11
CA LEU B 37 11.32 -11.18 -36.35
C LEU B 37 10.17 -10.26 -36.75
N ALA B 38 10.00 -10.06 -38.07
CA ALA B 38 8.93 -9.17 -38.53
C ALA B 38 7.56 -9.66 -38.10
N GLU B 39 7.37 -10.97 -37.99
CA GLU B 39 6.10 -11.50 -37.51
C GLU B 39 5.94 -11.28 -36.01
N ALA B 40 6.99 -11.62 -35.24
CA ALA B 40 6.92 -11.43 -33.81
C ALA B 40 6.82 -9.97 -33.42
N ALA B 41 7.36 -9.07 -34.24
CA ALA B 41 7.24 -7.65 -33.97
C ALA B 41 5.81 -7.17 -34.18
N ASP B 42 5.16 -7.61 -35.26
CA ASP B 42 3.77 -7.27 -35.47
C ASP B 42 2.89 -7.88 -34.38
N ARG B 43 3.28 -9.03 -33.86
CA ARG B 43 2.55 -9.64 -32.75
C ARG B 43 2.65 -8.79 -31.50
N LEU B 44 3.79 -8.11 -31.30
CA LEU B 44 3.95 -7.24 -30.14
C LEU B 44 3.04 -6.03 -30.24
N THR B 45 2.91 -5.46 -31.44
CA THR B 45 1.93 -4.39 -31.63
C THR B 45 0.53 -4.86 -31.25
N ASP B 46 0.15 -6.07 -31.67
CA ASP B 46 -1.15 -6.61 -31.30
C ASP B 46 -1.27 -6.70 -29.79
N GLN B 47 -0.22 -7.16 -29.12
CA GLN B 47 -0.29 -7.35 -27.67
C GLN B 47 -0.46 -6.02 -26.95
N LEU B 48 0.10 -4.94 -27.50
CA LEU B 48 -0.10 -3.63 -26.89
C LEU B 48 -1.44 -3.02 -27.27
N ILE B 49 -1.93 -3.29 -28.49
CA ILE B 49 -3.25 -2.83 -28.87
C ILE B 49 -4.31 -3.36 -27.92
N ALA B 50 -4.10 -4.58 -27.39
CA ALA B 50 -5.05 -5.16 -26.45
C ALA B 50 -5.13 -4.39 -25.14
N ARG B 51 -4.10 -3.60 -24.81
CA ARG B 51 -4.08 -2.81 -23.59
C ARG B 51 -4.56 -1.37 -23.81
N LEU B 52 -4.95 -1.02 -25.03
CA LEU B 52 -5.39 0.33 -25.37
C LEU B 52 -6.84 0.25 -25.82
N PRO B 53 -7.80 0.37 -24.89
CA PRO B 53 -9.22 0.28 -25.28
C PRO B 53 -9.74 1.57 -25.90
N VAL B 54 -9.41 1.74 -27.18
CA VAL B 54 -9.92 2.84 -27.99
C VAL B 54 -10.73 2.27 -29.14
N VAL B 55 -11.65 3.09 -29.64
CA VAL B 55 -12.57 2.70 -30.71
C VAL B 55 -12.48 3.75 -31.81
N ARG B 56 -13.15 3.47 -32.93
CA ARG B 56 -13.07 4.31 -34.11
C ARG B 56 -13.34 5.77 -33.76
N ASP B 57 -12.54 6.67 -34.37
CA ASP B 57 -12.59 8.12 -34.28
C ASP B 57 -11.97 8.68 -33.01
N HIS B 58 -11.43 7.86 -32.11
CA HIS B 58 -10.64 8.38 -31.00
C HIS B 58 -9.29 8.89 -31.52
N ARG B 59 -8.71 9.84 -30.79
CA ARG B 59 -7.43 10.44 -31.15
C ARG B 59 -6.33 9.91 -30.24
N VAL B 60 -5.28 9.35 -30.83
CA VAL B 60 -4.21 8.69 -30.10
C VAL B 60 -2.89 9.40 -30.40
N LEU B 61 -2.06 9.56 -29.37
CA LEU B 61 -0.73 10.13 -29.51
C LEU B 61 0.30 9.01 -29.42
N ASP B 62 1.05 8.82 -30.50
CA ASP B 62 2.13 7.83 -30.57
C ASP B 62 3.42 8.51 -30.16
N VAL B 63 3.78 8.37 -28.89
CA VAL B 63 5.00 8.97 -28.35
C VAL B 63 6.19 8.14 -28.78
N GLY B 64 7.08 8.74 -29.58
CA GLY B 64 8.16 7.99 -30.19
C GLY B 64 7.64 7.16 -31.33
N CYS B 65 7.37 7.81 -32.47
CA CYS B 65 6.62 7.17 -33.53
C CYS B 65 7.46 6.26 -34.41
N GLY B 66 8.78 6.39 -34.37
CA GLY B 66 9.59 5.64 -35.30
C GLY B 66 9.30 6.06 -36.72
N VAL B 67 9.17 5.08 -37.61
CA VAL B 67 8.80 5.33 -39.00
C VAL B 67 7.32 5.15 -39.24
N GLY B 68 6.53 4.92 -38.19
CA GLY B 68 5.09 5.03 -38.27
C GLY B 68 4.32 3.76 -38.51
N LYS B 69 4.99 2.61 -38.67
CA LYS B 69 4.24 1.40 -38.93
C LYS B 69 3.31 1.05 -37.77
N PRO B 70 3.72 1.16 -36.51
CA PRO B 70 2.75 0.96 -35.42
C PRO B 70 1.55 1.89 -35.51
N ALA B 71 1.78 3.17 -35.80
CA ALA B 71 0.67 4.11 -35.93
C ALA B 71 -0.32 3.67 -37.00
N LEU B 72 0.19 3.32 -38.19
CA LEU B 72 -0.71 2.98 -39.29
C LEU B 72 -1.52 1.72 -38.99
N ARG B 73 -0.89 0.71 -38.38
CA ARG B 73 -1.62 -0.49 -38.00
C ARG B 73 -2.69 -0.17 -36.97
N LEU B 74 -2.38 0.74 -36.04
CA LEU B 74 -3.35 1.17 -35.05
C LEU B 74 -4.58 1.75 -35.73
N ALA B 75 -4.37 2.71 -36.63
CA ALA B 75 -5.48 3.33 -37.35
C ALA B 75 -6.19 2.34 -38.26
N GLY B 76 -5.47 1.35 -38.79
CA GLY B 76 -6.09 0.39 -39.68
C GLY B 76 -6.99 -0.58 -38.94
N ASP B 77 -6.52 -1.07 -37.79
CA ASP B 77 -7.31 -2.03 -37.02
C ASP B 77 -8.47 -1.34 -36.31
N LEU B 78 -8.20 -0.21 -35.64
CA LEU B 78 -9.17 0.41 -34.75
C LEU B 78 -9.87 1.63 -35.31
N GLY B 79 -9.37 2.23 -36.38
CA GLY B 79 -10.04 3.39 -36.95
C GLY B 79 -9.81 4.67 -36.18
N VAL B 80 -8.71 4.77 -35.46
CA VAL B 80 -8.40 5.95 -34.65
C VAL B 80 -7.61 6.94 -35.49
N ARG B 81 -7.73 8.22 -35.16
CA ARG B 81 -6.80 9.23 -35.67
C ARG B 81 -5.54 9.18 -34.82
N VAL B 82 -4.39 9.35 -35.46
CA VAL B 82 -3.11 9.16 -34.79
C VAL B 82 -2.16 10.32 -35.12
N VAL B 83 -1.54 10.87 -34.08
CA VAL B 83 -0.47 11.85 -34.21
C VAL B 83 0.77 11.27 -33.57
N GLY B 84 1.82 11.08 -34.37
CA GLY B 84 3.07 10.54 -33.87
C GLY B 84 4.11 11.65 -33.73
N VAL B 85 4.90 11.55 -32.66
CA VAL B 85 5.95 12.53 -32.39
C VAL B 85 7.27 11.80 -32.17
N SER B 86 8.35 12.46 -32.57
CA SER B 86 9.69 11.92 -32.45
C SER B 86 10.65 13.10 -32.36
N ILE B 87 11.92 12.80 -32.09
CA ILE B 87 12.96 13.81 -32.12
C ILE B 87 13.95 13.56 -33.25
N SER B 88 13.63 12.65 -34.16
CA SER B 88 14.43 12.37 -35.36
C SER B 88 13.63 12.90 -36.54
N GLU B 89 14.03 14.07 -37.05
CA GLU B 89 13.34 14.66 -38.19
C GLU B 89 13.35 13.74 -39.39
N ALA B 90 14.42 12.96 -39.57
CA ALA B 90 14.48 12.03 -40.68
C ALA B 90 13.35 11.00 -40.58
N GLN B 91 13.15 10.45 -39.38
CA GLN B 91 12.10 9.46 -39.18
C GLN B 91 10.73 10.03 -39.46
N ILE B 92 10.51 11.30 -39.11
CA ILE B 92 9.20 11.90 -39.30
C ILE B 92 8.84 11.95 -40.78
N GLY B 93 9.80 12.32 -41.63
CA GLY B 93 9.52 12.41 -43.05
C GLY B 93 9.20 11.06 -43.67
N ILE B 94 9.89 10.01 -43.23
CA ILE B 94 9.61 8.67 -43.70
C ILE B 94 8.22 8.23 -43.22
N ALA B 95 7.87 8.56 -41.99
CA ALA B 95 6.56 8.18 -41.47
C ALA B 95 5.45 8.86 -42.25
N ASN B 96 5.66 10.11 -42.66
CA ASN B 96 4.63 10.84 -43.38
C ASN B 96 4.45 10.29 -44.80
N GLU B 97 5.53 9.84 -45.43
CA GLU B 97 5.39 9.18 -46.72
C GLU B 97 4.64 7.87 -46.59
N ALA B 98 4.91 7.10 -45.54
CA ALA B 98 4.16 5.87 -45.31
C ALA B 98 2.67 6.14 -45.17
N ALA B 99 2.31 7.28 -44.57
CA ALA B 99 0.90 7.60 -44.39
C ALA B 99 0.23 7.94 -45.72
N ARG B 100 0.89 8.74 -46.57
CA ARG B 100 0.34 9.00 -47.89
C ARG B 100 0.19 7.71 -48.68
N ALA B 101 1.14 6.78 -48.50
CA ALA B 101 1.15 5.54 -49.26
C ALA B 101 -0.04 4.65 -48.91
N ALA B 102 -0.40 4.58 -47.63
CA ALA B 102 -1.56 3.81 -47.20
C ALA B 102 -2.88 4.58 -47.32
N GLY B 103 -2.85 5.80 -47.84
CA GLY B 103 -4.07 6.58 -47.97
C GLY B 103 -4.63 7.07 -46.66
N LEU B 104 -3.77 7.37 -45.68
CA LEU B 104 -4.19 7.76 -44.34
C LEU B 104 -3.70 9.14 -43.94
N ALA B 105 -3.23 9.95 -44.90
CA ALA B 105 -2.64 11.24 -44.54
C ALA B 105 -3.63 12.13 -43.80
N ASP B 106 -4.93 11.99 -44.06
CA ASP B 106 -5.94 12.74 -43.34
C ASP B 106 -6.25 12.15 -41.96
N ARG B 107 -5.77 10.94 -41.67
CA ARG B 107 -5.99 10.31 -40.37
C ARG B 107 -4.74 10.21 -39.53
N VAL B 108 -3.56 10.09 -40.13
CA VAL B 108 -2.31 9.87 -39.43
C VAL B 108 -1.29 10.89 -39.91
N SER B 109 -0.70 11.63 -38.99
CA SER B 109 0.31 12.63 -39.29
C SER B 109 1.44 12.52 -38.26
N PHE B 110 2.61 13.05 -38.62
CA PHE B 110 3.77 12.99 -37.76
C PHE B 110 4.47 14.35 -37.73
N ARG B 111 4.86 14.78 -36.52
CA ARG B 111 5.53 16.05 -36.31
C ARG B 111 6.62 15.87 -35.26
N TYR B 112 7.52 16.84 -35.21
CA TYR B 112 8.57 16.84 -34.19
C TYR B 112 7.99 17.19 -32.83
N ALA B 113 8.47 16.49 -31.80
CA ALA B 113 8.07 16.82 -30.44
C ALA B 113 8.91 16.02 -29.45
N ASP B 114 9.30 16.68 -28.37
CA ASP B 114 10.01 16.06 -27.25
C ASP B 114 9.01 15.71 -26.16
N ALA B 115 9.02 14.45 -25.71
CA ALA B 115 8.00 13.98 -24.78
C ALA B 115 7.98 14.73 -23.45
N MET B 116 9.04 15.45 -23.10
CA MET B 116 9.06 16.21 -21.86
C MET B 116 8.50 17.62 -22.01
N ARG B 117 8.31 18.09 -23.24
CA ARG B 117 7.60 19.34 -23.50
C ARG B 117 6.66 19.05 -24.67
N LEU B 118 5.53 18.44 -24.35
CA LEU B 118 4.57 18.06 -25.39
C LEU B 118 3.90 19.32 -25.91
N PRO B 119 3.91 19.56 -27.23
CA PRO B 119 3.36 20.80 -27.79
C PRO B 119 1.86 20.71 -28.07
N PHE B 120 1.10 20.25 -27.09
CA PHE B 120 -0.32 20.04 -27.27
C PHE B 120 -1.07 20.65 -26.08
N PRO B 121 -2.29 21.12 -26.30
CA PRO B 121 -3.06 21.65 -25.18
C PRO B 121 -3.49 20.53 -24.24
N ASP B 122 -3.88 20.92 -23.03
CA ASP B 122 -4.35 19.94 -22.06
C ASP B 122 -5.55 19.19 -22.61
N ALA B 123 -5.73 17.96 -22.15
CA ALA B 123 -6.92 17.16 -22.47
C ALA B 123 -7.18 17.14 -23.98
N SER B 124 -6.13 16.87 -24.74
CA SER B 124 -6.21 16.88 -26.19
C SER B 124 -6.31 15.50 -26.83
N PHE B 125 -6.10 14.42 -26.08
CA PHE B 125 -6.07 13.08 -26.65
C PHE B 125 -6.91 12.13 -25.82
N ASP B 126 -7.58 11.19 -26.51
CA ASP B 126 -8.33 10.15 -25.83
C ASP B 126 -7.44 8.98 -25.42
N GLY B 127 -6.32 8.79 -26.09
CA GLY B 127 -5.41 7.71 -25.76
C GLY B 127 -3.97 8.09 -26.09
N VAL B 128 -3.04 7.43 -25.40
CA VAL B 128 -1.62 7.60 -25.65
C VAL B 128 -0.99 6.23 -25.80
N TRP B 129 -0.01 6.13 -26.69
CA TRP B 129 0.58 4.87 -27.15
C TRP B 129 2.09 5.05 -27.12
N ALA B 130 2.76 4.36 -26.20
CA ALA B 130 4.19 4.52 -25.98
C ALA B 130 4.87 3.17 -26.20
N MET B 131 5.10 2.83 -27.47
CA MET B 131 5.70 1.56 -27.83
C MET B 131 7.22 1.69 -27.78
N GLU B 132 7.80 1.15 -26.71
CA GLU B 132 9.25 0.96 -26.61
C GLU B 132 10.02 2.25 -26.85
N SER B 133 9.59 3.31 -26.16
CA SER B 133 10.19 4.63 -26.35
C SER B 133 10.55 5.30 -25.03
N LEU B 134 9.80 5.00 -23.97
CA LEU B 134 9.96 5.76 -22.73
C LEU B 134 11.29 5.48 -22.03
N HIS B 135 12.00 4.42 -22.38
CA HIS B 135 13.31 4.20 -21.78
C HIS B 135 14.37 5.13 -22.36
N HIS B 136 14.05 5.87 -23.42
CA HIS B 136 14.93 6.90 -23.94
C HIS B 136 14.78 8.22 -23.22
N MET B 137 13.85 8.33 -22.29
CA MET B 137 13.64 9.61 -21.61
C MET B 137 14.61 9.72 -20.43
N PRO B 138 15.36 10.81 -20.32
CA PRO B 138 16.19 10.99 -19.11
C PRO B 138 15.34 11.20 -17.87
N ASP B 139 14.24 11.93 -17.97
CA ASP B 139 13.28 12.11 -16.89
C ASP B 139 11.97 11.47 -17.36
N ARG B 140 11.81 10.18 -17.06
CA ARG B 140 10.63 9.45 -17.50
C ARG B 140 9.36 9.94 -16.80
N LEU B 141 9.48 10.40 -15.56
CA LEU B 141 8.31 10.91 -14.84
C LEU B 141 7.77 12.17 -15.51
N GLN B 142 8.66 13.04 -15.99
CA GLN B 142 8.19 14.25 -16.69
C GLN B 142 7.52 13.91 -18.01
N ALA B 143 7.96 12.84 -18.67
CA ALA B 143 7.28 12.39 -19.88
C ALA B 143 5.89 11.84 -19.56
N LEU B 144 5.78 11.09 -18.46
CA LEU B 144 4.49 10.57 -18.04
C LEU B 144 3.57 11.67 -17.55
N ARG B 145 4.12 12.74 -16.94
CA ARG B 145 3.28 13.85 -16.53
C ARG B 145 2.76 14.62 -17.73
N GLU B 146 3.60 14.83 -18.75
CA GLU B 146 3.10 15.43 -19.98
C GLU B 146 2.04 14.55 -20.62
N ILE B 147 2.20 13.23 -20.52
CA ILE B 147 1.21 12.32 -21.06
C ILE B 147 -0.12 12.47 -20.33
N ALA B 148 -0.08 12.49 -19.00
CA ALA B 148 -1.32 12.61 -18.24
C ALA B 148 -2.01 13.94 -18.53
N ARG B 149 -1.23 14.98 -18.80
CA ARG B 149 -1.82 16.29 -19.08
C ARG B 149 -2.57 16.28 -20.41
N VAL B 150 -1.95 15.76 -21.47
CA VAL B 150 -2.59 15.76 -22.78
C VAL B 150 -3.71 14.73 -22.88
N LEU B 151 -3.77 13.80 -21.93
CA LEU B 151 -4.88 12.86 -21.86
C LEU B 151 -6.11 13.54 -21.30
N ARG B 152 -7.26 13.32 -21.93
CA ARG B 152 -8.50 13.83 -21.39
C ARG B 152 -8.91 13.02 -20.17
N HIS B 153 -9.82 13.56 -19.38
CA HIS B 153 -10.34 12.80 -18.27
C HIS B 153 -10.95 11.51 -18.81
N GLY B 154 -10.50 10.38 -18.29
CA GLY B 154 -10.93 9.10 -18.80
C GLY B 154 -10.08 8.53 -19.93
N GLY B 155 -9.06 9.24 -20.37
CA GLY B 155 -8.18 8.71 -21.40
C GLY B 155 -7.36 7.53 -20.91
N VAL B 156 -6.87 6.75 -21.86
CA VAL B 156 -6.15 5.51 -21.54
C VAL B 156 -4.73 5.60 -22.09
N LEU B 157 -3.85 4.82 -21.47
CA LEU B 157 -2.45 4.77 -21.84
C LEU B 157 -2.03 3.31 -21.96
N SER B 158 -1.18 3.03 -22.94
CA SER B 158 -0.62 1.70 -23.15
C SER B 158 0.87 1.83 -23.36
N ILE B 159 1.65 1.22 -22.47
CA ILE B 159 3.11 1.29 -22.52
C ILE B 159 3.66 -0.11 -22.75
N ALA B 160 4.61 -0.22 -23.67
CA ALA B 160 5.50 -1.37 -23.78
C ALA B 160 6.91 -0.85 -23.55
N ASP B 161 7.67 -1.50 -22.67
CA ASP B 161 8.98 -0.97 -22.33
C ASP B 161 9.81 -2.05 -21.65
N PHE B 162 11.09 -1.75 -21.47
CA PHE B 162 11.99 -2.61 -20.71
C PHE B 162 11.73 -2.46 -19.21
N VAL B 163 12.22 -3.44 -18.46
CA VAL B 163 12.25 -3.37 -17.00
C VAL B 163 13.46 -4.16 -16.53
N GLN B 164 13.88 -3.89 -15.30
CA GLN B 164 14.89 -4.71 -14.64
C GLN B 164 14.17 -5.57 -13.61
N LEU B 165 14.28 -6.89 -13.78
CA LEU B 165 13.53 -7.82 -12.94
C LEU B 165 14.15 -8.01 -11.57
N GLY B 166 15.41 -7.62 -11.40
CA GLY B 166 16.08 -7.76 -10.12
C GLY B 166 17.51 -7.28 -10.21
N PRO B 167 18.26 -7.46 -9.12
CA PRO B 167 19.67 -7.06 -9.15
C PRO B 167 20.45 -7.93 -10.12
N VAL B 168 21.44 -7.33 -10.74
CA VAL B 168 22.31 -8.07 -11.66
C VAL B 168 23.48 -8.62 -10.85
N ARG B 169 23.86 -9.86 -11.12
CA ARG B 169 25.03 -10.38 -10.43
C ARG B 169 26.28 -9.67 -10.97
N GLU B 170 27.32 -9.60 -10.14
CA GLU B 170 28.54 -8.93 -10.56
C GLU B 170 28.96 -9.35 -11.96
N GLN B 171 28.82 -10.65 -12.26
CA GLN B 171 29.36 -11.22 -13.48
C GLN B 171 28.62 -10.76 -14.72
N ASP B 172 27.38 -10.30 -14.59
CA ASP B 172 26.62 -9.80 -15.71
C ASP B 172 26.52 -8.28 -15.74
N GLU B 173 27.19 -7.59 -14.80
CA GLU B 173 27.11 -6.13 -14.78
C GLU B 173 27.66 -5.53 -16.06
N GLU B 174 28.77 -6.07 -16.57
CA GLU B 174 29.36 -5.50 -17.77
C GLU B 174 28.47 -5.70 -18.98
N ALA B 175 27.69 -6.78 -19.01
CA ALA B 175 26.75 -6.99 -20.11
C ALA B 175 25.61 -5.98 -20.03
N LEU B 176 25.11 -5.72 -18.81
CA LEU B 176 24.06 -4.71 -18.66
C LEU B 176 24.51 -3.36 -19.21
N ARG B 177 25.72 -2.93 -18.85
CA ARG B 177 26.23 -1.65 -19.35
C ARG B 177 26.22 -1.62 -20.87
N ALA B 178 26.64 -2.71 -21.51
CA ALA B 178 26.63 -2.74 -22.97
C ALA B 178 25.22 -2.59 -23.50
N PHE B 179 24.23 -3.18 -22.80
CA PHE B 179 22.84 -3.04 -23.23
C PHE B 179 22.34 -1.61 -23.03
N ARG B 180 22.77 -0.94 -21.96
CA ARG B 180 22.22 0.38 -21.67
C ARG B 180 22.90 1.47 -22.50
N SER B 181 24.22 1.43 -22.66
CA SER B 181 24.87 2.51 -23.41
C SER B 181 24.56 2.38 -24.90
N GLY B 182 24.75 1.19 -25.45
CA GLY B 182 24.26 0.92 -26.79
C GLY B 182 22.77 0.68 -26.64
N GLY B 183 21.98 1.32 -27.49
CA GLY B 183 20.54 1.21 -27.39
C GLY B 183 19.86 2.29 -26.57
N GLY B 184 20.63 3.23 -26.02
CA GLY B 184 20.06 4.40 -25.37
C GLY B 184 19.12 4.20 -24.21
N VAL B 185 19.46 3.33 -23.26
CA VAL B 185 18.52 2.98 -22.17
C VAL B 185 18.81 3.93 -21.03
N HIS B 186 18.36 5.18 -21.17
CA HIS B 186 18.62 6.21 -20.17
C HIS B 186 17.85 5.94 -18.88
N THR B 187 16.61 5.47 -18.99
CA THR B 187 15.81 5.11 -17.83
C THR B 187 15.50 3.62 -17.89
N LEU B 188 15.90 2.90 -16.85
CA LEU B 188 15.63 1.47 -16.72
C LEU B 188 15.40 1.19 -15.23
N THR B 189 14.19 0.76 -14.88
CA THR B 189 13.84 0.47 -13.51
C THR B 189 13.09 -0.85 -13.43
N GLY B 190 12.84 -1.28 -12.20
CA GLY B 190 11.98 -2.43 -11.99
C GLY B 190 10.52 -2.07 -12.14
N ILE B 191 9.68 -3.11 -12.09
CA ILE B 191 8.24 -2.90 -12.30
C ILE B 191 7.66 -2.03 -11.19
N ALA B 192 8.07 -2.26 -9.94
CA ALA B 192 7.52 -1.50 -8.83
C ALA B 192 7.75 0.00 -9.03
N GLU B 193 8.98 0.38 -9.33
CA GLU B 193 9.27 1.80 -9.55
C GLU B 193 8.51 2.34 -10.75
N TYR B 194 8.26 1.49 -11.75
CA TYR B 194 7.50 1.92 -12.92
C TYR B 194 6.04 2.14 -12.57
N GLU B 195 5.44 1.18 -11.84
CA GLU B 195 4.04 1.33 -11.47
C GLU B 195 3.81 2.53 -10.56
N ALA B 196 4.82 2.89 -9.75
CA ALA B 196 4.65 4.03 -8.85
C ALA B 196 4.72 5.34 -9.62
N GLU B 197 5.60 5.44 -10.61
CA GLU B 197 5.67 6.64 -11.43
C GLU B 197 4.37 6.89 -12.16
N ILE B 198 3.77 5.84 -12.73
CA ILE B 198 2.49 6.00 -13.41
C ILE B 198 1.45 6.56 -12.46
N ALA B 199 1.41 6.03 -11.23
CA ALA B 199 0.50 6.58 -10.23
C ALA B 199 0.86 8.02 -9.88
N ASP B 200 2.15 8.29 -9.71
CA ASP B 200 2.56 9.64 -9.33
C ASP B 200 2.29 10.65 -10.44
N ALA B 201 2.13 10.18 -11.67
CA ALA B 201 1.79 11.06 -12.79
C ALA B 201 0.31 11.38 -12.86
N GLY B 202 -0.51 10.73 -12.03
CA GLY B 202 -1.94 10.97 -12.02
C GLY B 202 -2.77 9.92 -12.70
N LEU B 203 -2.16 8.81 -13.11
CA LEU B 203 -2.83 7.77 -13.87
C LEU B 203 -3.10 6.57 -12.98
N THR B 204 -4.27 5.96 -13.18
CA THR B 204 -4.65 4.76 -12.46
C THR B 204 -4.26 3.53 -13.29
N LEU B 205 -3.36 2.72 -12.75
CA LEU B 205 -2.95 1.50 -13.42
C LEU B 205 -4.15 0.57 -13.58
N THR B 206 -4.28 -0.03 -14.77
CA THR B 206 -5.38 -0.94 -15.05
C THR B 206 -4.92 -2.35 -15.40
N SER B 207 -3.75 -2.49 -16.02
CA SER B 207 -3.17 -3.81 -16.25
C SER B 207 -1.66 -3.68 -16.16
N SER B 208 -1.00 -4.80 -15.87
CA SER B 208 0.45 -4.86 -15.76
C SER B 208 0.86 -6.29 -16.10
N SER B 209 1.53 -6.46 -17.23
CA SER B 209 1.87 -7.79 -17.75
C SER B 209 3.39 -7.87 -17.92
N ASP B 210 4.00 -8.82 -17.21
CA ASP B 210 5.42 -9.13 -17.34
C ASP B 210 5.58 -10.15 -18.45
N ILE B 211 6.09 -9.72 -19.60
CA ILE B 211 6.25 -10.60 -20.75
C ILE B 211 7.72 -10.74 -21.10
N SER B 212 8.57 -10.75 -20.07
CA SER B 212 10.01 -10.78 -20.30
C SER B 212 10.41 -12.02 -21.10
N ALA B 213 9.83 -13.18 -20.76
CA ALA B 213 10.19 -14.41 -21.46
C ALA B 213 9.71 -14.40 -22.91
N ASN B 214 8.60 -13.72 -23.19
CA ASN B 214 8.12 -13.65 -24.57
C ASN B 214 9.01 -12.79 -25.45
N VAL B 215 9.78 -11.88 -24.85
CA VAL B 215 10.62 -10.95 -25.60
C VAL B 215 12.09 -11.31 -25.56
N ARG B 216 12.55 -12.03 -24.54
CA ARG B 216 13.96 -12.36 -24.44
C ARG B 216 14.53 -12.98 -25.71
N PRO B 217 13.84 -13.87 -26.41
CA PRO B 217 14.39 -14.41 -27.66
C PRO B 217 14.77 -13.34 -28.67
N SER B 218 14.10 -12.18 -28.64
CA SER B 218 14.36 -11.16 -29.64
C SER B 218 15.82 -10.75 -29.69
N MET B 219 16.51 -10.76 -28.54
CA MET B 219 17.91 -10.34 -28.53
C MET B 219 18.75 -11.22 -29.45
N VAL B 220 18.66 -12.54 -29.28
CA VAL B 220 19.48 -13.45 -30.06
C VAL B 220 19.12 -13.35 -31.53
N ARG B 221 17.82 -13.29 -31.85
CA ARG B 221 17.40 -13.29 -33.25
C ARG B 221 17.75 -11.99 -33.96
N THR B 222 17.66 -10.85 -33.25
CA THR B 222 18.08 -9.60 -33.87
C THR B 222 19.56 -9.64 -34.20
N ALA B 223 20.38 -10.23 -33.33
CA ALA B 223 21.78 -10.45 -33.67
C ALA B 223 21.90 -11.27 -34.95
N GLU B 224 21.18 -12.40 -35.02
CA GLU B 224 21.25 -13.24 -36.20
C GLU B 224 20.72 -12.50 -37.42
N ALA B 225 19.68 -11.67 -37.23
CA ALA B 225 19.13 -10.89 -38.34
C ALA B 225 20.13 -9.85 -38.83
N ILE B 226 20.84 -9.20 -37.90
CA ILE B 226 21.86 -8.24 -38.29
C ILE B 226 22.97 -8.95 -39.06
N ARG B 227 23.45 -10.07 -38.51
CA ARG B 227 24.49 -10.85 -39.17
C ARG B 227 24.11 -11.12 -40.63
N GLY B 228 22.87 -11.56 -40.86
CA GLY B 228 22.41 -11.77 -42.21
C GLY B 228 22.24 -10.49 -43.01
N ALA B 229 22.00 -9.37 -42.32
CA ALA B 229 21.84 -8.07 -42.96
C ALA B 229 23.12 -7.24 -42.93
N ALA B 230 24.28 -7.90 -42.83
CA ALA B 230 25.54 -7.17 -42.85
C ALA B 230 25.65 -6.26 -44.06
N ASP B 231 25.05 -6.66 -45.19
CA ASP B 231 25.11 -5.84 -46.40
C ASP B 231 24.58 -4.43 -46.16
N ALA B 232 23.52 -4.30 -45.37
CA ALA B 232 22.88 -3.01 -45.16
C ALA B 232 23.52 -2.20 -44.05
N PHE B 233 24.10 -2.86 -43.04
CA PHE B 233 24.64 -2.16 -41.89
C PHE B 233 26.07 -1.70 -42.08
N LEU B 234 26.92 -2.56 -42.65
CA LEU B 234 28.35 -2.25 -42.71
C LEU B 234 28.69 -0.92 -43.36
N PRO B 235 28.07 -0.49 -44.47
CA PRO B 235 28.48 0.78 -45.07
C PRO B 235 28.37 1.99 -44.13
N LEU B 236 27.42 1.98 -43.20
CA LEU B 236 27.19 3.10 -42.30
C LEU B 236 27.96 3.01 -40.99
N MET B 237 28.52 1.84 -40.66
CA MET B 237 29.09 1.61 -39.34
C MET B 237 30.59 1.38 -39.36
N GLY B 238 31.09 0.51 -40.22
CA GLY B 238 32.47 0.11 -40.17
C GLY B 238 32.63 -1.21 -39.44
N GLU B 239 33.67 -1.96 -39.82
CA GLU B 239 33.88 -3.30 -39.27
C GLU B 239 33.84 -3.28 -37.75
N GLU B 240 34.53 -2.32 -37.13
CA GLU B 240 34.59 -2.27 -35.67
C GLU B 240 33.22 -2.00 -35.07
N GLY B 241 32.48 -1.03 -35.61
CA GLY B 241 31.20 -0.68 -35.03
C GLY B 241 30.15 -1.76 -35.24
N LEU B 242 30.17 -2.43 -36.39
CA LEU B 242 29.25 -3.52 -36.64
C LEU B 242 29.54 -4.73 -35.75
N ARG B 243 30.83 -5.04 -35.56
CA ARG B 243 31.17 -6.14 -34.68
C ARG B 243 30.68 -5.88 -33.26
N ARG B 244 30.78 -4.63 -32.80
CA ARG B 244 30.31 -4.30 -31.47
C ARG B 244 28.79 -4.28 -31.37
N LEU B 245 28.13 -3.69 -32.37
CA LEU B 245 26.67 -3.65 -32.36
C LEU B 245 26.09 -5.03 -32.13
N ILE B 246 26.49 -5.98 -32.97
CA ILE B 246 26.03 -7.35 -32.85
C ILE B 246 26.33 -7.88 -31.46
N ASP B 247 27.55 -7.65 -30.97
CA ASP B 247 27.93 -8.19 -29.67
C ASP B 247 27.08 -7.58 -28.56
N ASN B 248 26.78 -6.29 -28.65
CA ASN B 248 25.94 -5.67 -27.63
C ASN B 248 24.61 -6.41 -27.49
N PHE B 249 24.00 -6.77 -28.61
CA PHE B 249 22.79 -7.60 -28.55
C PHE B 249 23.12 -8.97 -27.97
N GLU B 250 24.20 -9.60 -28.45
CA GLU B 250 24.56 -10.92 -27.98
C GLU B 250 24.77 -10.93 -26.47
N ARG B 251 25.40 -9.87 -25.94
CA ARG B 251 25.63 -9.81 -24.50
C ARG B 251 24.33 -9.54 -23.75
N ALA B 252 23.46 -8.69 -24.31
CA ALA B 252 22.20 -8.38 -23.63
C ALA B 252 21.37 -9.63 -23.41
N ALA B 253 21.47 -10.61 -24.32
CA ALA B 253 20.71 -11.85 -24.17
C ALA B 253 21.21 -12.71 -23.02
N THR B 254 22.43 -12.47 -22.54
CA THR B 254 22.98 -13.24 -21.42
C THR B 254 22.57 -12.68 -20.06
N VAL B 255 21.95 -11.51 -20.02
CA VAL B 255 21.45 -10.92 -18.78
C VAL B 255 20.00 -11.37 -18.59
N PRO B 256 19.70 -12.25 -17.63
CA PRO B 256 18.31 -12.67 -17.43
C PRO B 256 17.43 -11.64 -16.73
N GLN B 257 18.00 -10.60 -16.11
CA GLN B 257 17.20 -9.56 -15.47
C GLN B 257 16.69 -8.52 -16.45
N ILE B 258 17.05 -8.60 -17.72
CA ILE B 258 16.53 -7.66 -18.71
C ILE B 258 15.15 -8.15 -19.12
N GLY B 259 14.12 -7.47 -18.64
CA GLY B 259 12.76 -7.89 -18.91
C GLY B 259 11.99 -6.90 -19.74
N TYR B 260 10.69 -7.12 -19.84
CA TYR B 260 9.82 -6.34 -20.71
C TYR B 260 8.41 -6.41 -20.16
N ALA B 261 7.72 -5.27 -20.15
CA ALA B 261 6.40 -5.19 -19.55
C ALA B 261 5.43 -4.45 -20.45
N LEU B 262 4.15 -4.80 -20.32
CA LEU B 262 3.06 -4.08 -20.95
C LEU B 262 2.21 -3.46 -19.85
N PHE B 263 2.12 -2.14 -19.84
CA PHE B 263 1.30 -1.43 -18.86
C PHE B 263 0.11 -0.78 -19.55
N ALA B 264 -0.98 -0.69 -18.80
CA ALA B 264 -2.16 0.04 -19.24
C ALA B 264 -2.66 0.87 -18.07
N ALA B 265 -3.03 2.10 -18.35
CA ALA B 265 -3.51 2.98 -17.29
C ALA B 265 -4.60 3.88 -17.85
N ARG B 266 -5.32 4.48 -16.93
CA ARG B 266 -6.45 5.35 -17.22
C ARG B 266 -6.30 6.60 -16.38
N ARG B 267 -6.77 7.72 -16.91
CA ARG B 267 -6.77 8.97 -16.14
C ARG B 267 -8.05 8.96 -15.34
N SER B 268 -7.93 8.49 -14.09
CA SER B 268 -8.96 8.29 -13.06
C SER B 268 -9.19 6.79 -12.87
N SER C 5 -12.50 21.66 33.52
CA SER C 5 -12.19 22.59 32.43
C SER C 5 -13.18 23.45 31.67
N GLN C 6 -13.64 24.42 32.49
CA GLN C 6 -14.26 25.63 31.96
C GLN C 6 -13.39 26.24 30.86
N MET C 7 -12.08 26.31 31.11
CA MET C 7 -11.13 26.84 30.14
C MET C 7 -11.44 26.40 28.72
N TYR C 8 -11.63 25.09 28.53
CA TYR C 8 -11.87 24.59 27.18
C TYR C 8 -13.27 24.95 26.70
N ASP C 9 -14.28 24.59 27.50
CA ASP C 9 -15.66 24.80 27.09
C ASP C 9 -15.94 26.23 26.64
N GLN C 10 -15.43 27.21 27.39
CA GLN C 10 -15.73 28.61 27.10
C GLN C 10 -14.85 29.19 25.99
N LEU C 11 -13.53 29.07 26.14
CA LEU C 11 -12.56 29.80 25.33
C LEU C 11 -11.98 29.00 24.17
N SER C 12 -12.48 27.79 23.93
CA SER C 12 -11.98 26.99 22.81
C SER C 12 -12.26 27.67 21.46
N ASP C 13 -13.46 28.23 21.30
CA ASP C 13 -13.90 28.80 20.04
C ASP C 13 -12.82 29.65 19.36
N PRO C 14 -12.33 30.72 19.99
CA PRO C 14 -11.27 31.50 19.32
C PRO C 14 -9.98 30.72 19.17
N PHE C 15 -9.57 29.99 20.21
CA PHE C 15 -8.32 29.23 20.16
C PHE C 15 -8.36 28.19 19.04
N ALA C 16 -9.45 27.42 18.96
CA ALA C 16 -9.64 26.49 17.86
C ALA C 16 -9.45 27.18 16.51
N GLY C 17 -10.13 28.30 16.30
CA GLY C 17 -10.05 28.99 15.02
C GLY C 17 -8.65 29.52 14.74
N LEU C 18 -7.89 29.83 15.79
CA LEU C 18 -6.51 30.28 15.64
C LEU C 18 -5.57 29.25 15.03
N GLY C 19 -5.87 27.97 15.13
CA GLY C 19 -5.06 26.98 14.47
C GLY C 19 -5.82 26.16 13.43
N ALA C 20 -6.81 26.80 12.79
CA ALA C 20 -7.64 26.15 11.77
C ALA C 20 -8.60 25.19 12.48
N GLY C 21 -8.05 24.19 13.15
CA GLY C 21 -8.80 23.34 14.05
C GLY C 21 -7.93 22.80 15.16
N ASN C 22 -6.71 23.33 15.24
CA ASN C 22 -5.71 22.82 16.18
C ASN C 22 -5.76 23.60 17.49
N ILE C 23 -5.74 22.88 18.61
CA ILE C 23 -5.58 23.49 19.93
C ILE C 23 -4.25 23.01 20.51
N HIS C 24 -3.14 23.33 19.82
CA HIS C 24 -1.81 22.97 20.29
C HIS C 24 -0.80 23.91 19.63
N LEU C 25 0.44 23.81 20.06
CA LEU C 25 1.48 24.76 19.66
C LEU C 25 2.04 24.41 18.28
N GLY C 26 3.13 25.08 17.89
CA GLY C 26 3.73 24.90 16.59
C GLY C 26 5.19 24.50 16.63
N TYR C 27 5.69 23.96 15.53
CA TYR C 27 7.07 23.52 15.40
C TYR C 27 7.78 24.36 14.35
N PHE C 28 8.85 25.04 14.75
CA PHE C 28 9.66 25.83 13.85
C PHE C 28 11.11 25.37 13.94
N ASP C 29 11.90 25.72 12.92
CA ASP C 29 13.35 25.55 12.97
C ASP C 29 13.98 26.81 13.56
N GLY C 30 13.74 27.01 14.85
CA GLY C 30 14.17 28.21 15.53
C GLY C 30 13.40 29.41 15.03
N PRO C 31 13.65 30.58 15.62
CA PRO C 31 12.96 31.79 15.16
C PRO C 31 13.18 32.10 13.69
N ASP C 32 14.24 31.55 13.09
CA ASP C 32 14.56 31.82 11.68
C ASP C 32 13.69 30.89 10.83
N ASP C 33 12.38 31.20 10.86
CA ASP C 33 11.37 30.48 10.10
C ASP C 33 10.13 31.35 10.02
N ALA C 34 9.61 31.56 8.81
CA ALA C 34 8.49 32.46 8.58
C ALA C 34 7.20 31.72 8.24
N ALA C 35 7.09 30.45 8.62
CA ALA C 35 5.86 29.69 8.37
C ALA C 35 4.79 30.10 9.38
N THR C 36 3.54 30.12 8.90
CA THR C 36 2.41 30.58 9.72
C THR C 36 2.22 29.70 10.95
N LEU C 37 1.59 30.28 11.95
CA LEU C 37 1.20 29.53 13.15
C LEU C 37 0.31 28.35 12.79
N ALA C 38 -0.72 28.58 11.97
CA ALA C 38 -1.60 27.49 11.59
C ALA C 38 -0.84 26.37 10.88
N GLU C 39 0.21 26.72 10.15
CA GLU C 39 1.06 25.74 9.48
C GLU C 39 1.98 25.03 10.45
N ALA C 40 2.65 25.78 11.34
CA ALA C 40 3.56 25.15 12.29
C ALA C 40 2.83 24.18 13.21
N ALA C 41 1.53 24.40 13.43
CA ALA C 41 0.75 23.45 14.22
C ALA C 41 0.57 22.14 13.47
N ASP C 42 0.29 22.21 12.17
CA ASP C 42 0.24 20.99 11.36
C ASP C 42 1.61 20.34 11.28
N ARG C 43 2.67 21.14 11.34
CA ARG C 43 4.02 20.58 11.38
C ARG C 43 4.25 19.80 12.66
N LEU C 44 3.68 20.27 13.78
CA LEU C 44 3.85 19.53 15.03
C LEU C 44 3.04 18.24 15.01
N THR C 45 1.84 18.28 14.45
CA THR C 45 1.07 17.04 14.28
C THR C 45 1.87 16.02 13.46
N ASP C 46 2.46 16.47 12.35
CA ASP C 46 3.30 15.58 11.57
C ASP C 46 4.46 15.05 12.40
N GLN C 47 5.06 15.92 13.21
CA GLN C 47 6.21 15.50 14.01
C GLN C 47 5.85 14.42 15.01
N LEU C 48 4.62 14.44 15.54
CA LEU C 48 4.20 13.40 16.46
C LEU C 48 3.78 12.13 15.72
N ILE C 49 3.19 12.28 14.53
CA ILE C 49 2.84 11.11 13.72
C ILE C 49 4.06 10.24 13.45
N ALA C 50 5.23 10.86 13.31
CA ALA C 50 6.45 10.08 13.07
C ALA C 50 6.79 9.20 14.26
N ARG C 51 6.26 9.50 15.44
CA ARG C 51 6.51 8.72 16.65
C ARG C 51 5.44 7.67 16.91
N LEU C 52 4.43 7.56 16.04
CA LEU C 52 3.35 6.59 16.19
C LEU C 52 3.42 5.65 15.00
N PRO C 53 4.19 4.56 15.10
CA PRO C 53 4.26 3.61 13.97
C PRO C 53 3.04 2.68 13.92
N VAL C 54 1.94 3.24 13.45
CA VAL C 54 0.72 2.49 13.18
C VAL C 54 0.47 2.56 11.68
N VAL C 55 -0.29 1.59 11.18
CA VAL C 55 -0.58 1.48 9.75
C VAL C 55 -2.09 1.35 9.58
N ARG C 56 -2.51 1.41 8.31
CA ARG C 56 -3.94 1.46 7.99
C ARG C 56 -4.70 0.35 8.72
N ASP C 57 -5.88 0.71 9.24
CA ASP C 57 -6.85 -0.11 9.94
C ASP C 57 -6.49 -0.36 11.41
N HIS C 58 -5.37 0.17 11.92
CA HIS C 58 -5.12 0.15 13.34
C HIS C 58 -6.08 1.10 14.05
N ARG C 59 -6.39 0.79 15.32
CA ARG C 59 -7.29 1.63 16.11
C ARG C 59 -6.48 2.40 17.14
N VAL C 60 -6.68 3.71 17.17
CA VAL C 60 -5.91 4.63 17.99
C VAL C 60 -6.84 5.36 18.93
N LEU C 61 -6.36 5.60 20.15
CA LEU C 61 -7.07 6.39 21.15
C LEU C 61 -6.43 7.78 21.18
N ASP C 62 -7.23 8.80 20.88
CA ASP C 62 -6.77 10.19 20.97
C ASP C 62 -7.17 10.69 22.34
N VAL C 63 -6.24 10.61 23.29
CA VAL C 63 -6.47 11.10 24.65
C VAL C 63 -6.35 12.61 24.63
N GLY C 64 -7.44 13.30 24.93
CA GLY C 64 -7.48 14.74 24.80
C GLY C 64 -7.60 15.15 23.34
N CYS C 65 -8.80 15.02 22.78
CA CYS C 65 -8.98 15.14 21.35
C CYS C 65 -9.13 16.58 20.87
N GLY C 66 -9.43 17.51 21.76
CA GLY C 66 -9.72 18.86 21.30
C GLY C 66 -10.99 18.87 20.46
N VAL C 67 -10.93 19.58 19.34
CA VAL C 67 -12.05 19.60 18.39
C VAL C 67 -11.84 18.61 17.25
N GLY C 68 -10.79 17.79 17.32
CA GLY C 68 -10.67 16.63 16.48
C GLY C 68 -9.82 16.77 15.23
N LYS C 69 -9.23 17.93 14.97
CA LYS C 69 -8.45 18.07 13.74
C LYS C 69 -7.24 17.15 13.72
N PRO C 70 -6.46 17.00 14.81
CA PRO C 70 -5.40 15.98 14.79
C PRO C 70 -5.94 14.59 14.48
N ALA C 71 -7.08 14.23 15.06
CA ALA C 71 -7.68 12.94 14.79
C ALA C 71 -7.97 12.75 13.30
N LEU C 72 -8.63 13.73 12.68
CA LEU C 72 -8.99 13.61 11.26
C LEU C 72 -7.74 13.55 10.39
N ARG C 73 -6.72 14.31 10.75
CA ARG C 73 -5.47 14.26 10.01
C ARG C 73 -4.83 12.88 10.12
N LEU C 74 -4.86 12.31 11.33
CA LEU C 74 -4.31 10.96 11.54
C LEU C 74 -5.03 9.94 10.69
N ALA C 75 -6.36 9.93 10.73
CA ALA C 75 -7.12 8.98 9.93
C ALA C 75 -6.88 9.19 8.44
N GLY C 76 -6.65 10.43 8.03
CA GLY C 76 -6.42 10.74 6.64
C GLY C 76 -5.02 10.36 6.17
N ASP C 77 -4.01 10.67 7.00
CA ASP C 77 -2.64 10.41 6.61
C ASP C 77 -2.31 8.92 6.70
N LEU C 78 -2.67 8.28 7.80
CA LEU C 78 -2.25 6.90 8.06
C LEU C 78 -3.35 5.87 7.83
N GLY C 79 -4.61 6.30 7.73
CA GLY C 79 -5.70 5.37 7.51
C GLY C 79 -6.14 4.60 8.72
N VAL C 80 -5.89 5.11 9.91
CA VAL C 80 -6.24 4.43 11.14
C VAL C 80 -7.64 4.81 11.58
N ARG C 81 -8.27 3.92 12.35
CA ARG C 81 -9.45 4.30 13.11
C ARG C 81 -9.03 5.06 14.37
N VAL C 82 -9.81 6.06 14.74
CA VAL C 82 -9.49 6.94 15.85
C VAL C 82 -10.72 7.09 16.73
N VAL C 83 -10.53 6.95 18.04
CA VAL C 83 -11.53 7.26 19.04
C VAL C 83 -10.96 8.37 19.90
N GLY C 84 -11.60 9.53 19.88
CA GLY C 84 -11.14 10.69 20.62
C GLY C 84 -11.97 10.89 21.89
N VAL C 85 -11.27 11.29 22.96
CA VAL C 85 -11.93 11.52 24.25
C VAL C 85 -11.54 12.89 24.77
N SER C 86 -12.47 13.49 25.50
CA SER C 86 -12.30 14.81 26.08
C SER C 86 -13.19 14.87 27.31
N ILE C 87 -13.04 15.94 28.09
CA ILE C 87 -13.95 16.22 29.19
C ILE C 87 -14.79 17.46 28.92
N SER C 88 -14.77 17.93 27.68
CA SER C 88 -15.57 19.07 27.24
C SER C 88 -16.67 18.51 26.34
N GLU C 89 -17.88 18.42 26.89
CA GLU C 89 -19.02 17.93 26.11
C GLU C 89 -19.20 18.76 24.84
N ALA C 90 -18.91 20.06 24.91
CA ALA C 90 -19.03 20.92 23.73
C ALA C 90 -18.05 20.51 22.64
N GLN C 91 -16.79 20.27 23.02
CA GLN C 91 -15.76 19.95 22.03
C GLN C 91 -16.06 18.64 21.32
N ILE C 92 -16.62 17.68 22.03
CA ILE C 92 -16.90 16.37 21.43
C ILE C 92 -17.89 16.53 20.28
N GLY C 93 -18.92 17.36 20.47
CA GLY C 93 -19.91 17.56 19.43
C GLY C 93 -19.33 18.23 18.19
N ILE C 94 -18.40 19.17 18.39
CA ILE C 94 -17.76 19.83 17.26
C ILE C 94 -16.94 18.83 16.45
N ALA C 95 -16.23 17.93 17.15
CA ALA C 95 -15.41 16.93 16.47
C ALA C 95 -16.27 15.94 15.69
N ASN C 96 -17.44 15.58 16.23
CA ASN C 96 -18.30 14.62 15.55
C ASN C 96 -18.90 15.19 14.27
N GLU C 97 -19.24 16.49 14.27
CA GLU C 97 -19.66 17.13 13.04
C GLU C 97 -18.50 17.20 12.05
N ALA C 98 -17.29 17.49 12.55
CA ALA C 98 -16.11 17.52 11.69
C ALA C 98 -15.88 16.18 10.99
N ALA C 99 -16.23 15.07 11.64
CA ALA C 99 -16.05 13.77 11.03
C ALA C 99 -17.00 13.58 9.84
N ARG C 100 -18.25 14.00 10.00
CA ARG C 100 -19.20 13.94 8.89
C ARG C 100 -18.74 14.79 7.71
N ALA C 101 -18.14 15.95 7.97
CA ALA C 101 -17.77 16.84 6.88
C ALA C 101 -16.65 16.24 6.02
N ALA C 102 -15.65 15.63 6.65
CA ALA C 102 -14.57 15.01 5.90
C ALA C 102 -14.91 13.61 5.42
N GLY C 103 -16.13 13.14 5.67
CA GLY C 103 -16.53 11.82 5.24
C GLY C 103 -15.80 10.70 5.95
N LEU C 104 -15.42 10.92 7.21
CA LEU C 104 -14.63 9.96 7.97
C LEU C 104 -15.34 9.47 9.21
N ALA C 105 -16.66 9.72 9.32
CA ALA C 105 -17.39 9.37 10.53
C ALA C 105 -17.37 7.87 10.81
N ASP C 106 -17.22 7.04 9.77
CA ASP C 106 -17.18 5.60 9.98
C ASP C 106 -15.85 5.13 10.54
N ARG C 107 -14.83 5.98 10.53
CA ARG C 107 -13.51 5.65 11.05
C ARG C 107 -13.13 6.46 12.28
N VAL C 108 -13.69 7.66 12.46
CA VAL C 108 -13.31 8.58 13.51
C VAL C 108 -14.55 8.95 14.31
N SER C 109 -14.48 8.77 15.63
CA SER C 109 -15.56 9.12 16.54
C SER C 109 -14.97 9.73 17.81
N PHE C 110 -15.80 10.49 18.53
CA PHE C 110 -15.38 11.17 19.75
C PHE C 110 -16.46 11.00 20.81
N ARG C 111 -16.03 10.68 22.04
CA ARG C 111 -16.96 10.50 23.14
C ARG C 111 -16.37 11.10 24.41
N TYR C 112 -17.21 11.31 25.41
CA TYR C 112 -16.73 11.80 26.69
C TYR C 112 -16.02 10.68 27.45
N ALA C 113 -14.89 11.04 28.06
CA ALA C 113 -14.12 10.11 28.89
C ALA C 113 -12.99 10.86 29.57
N ASP C 114 -12.74 10.51 30.83
CA ASP C 114 -11.61 11.05 31.58
C ASP C 114 -10.43 10.10 31.48
N ALA C 115 -9.27 10.64 31.08
CA ALA C 115 -8.10 9.81 30.85
C ALA C 115 -7.69 9.05 32.11
N MET C 116 -8.19 9.45 33.28
CA MET C 116 -7.88 8.77 34.52
C MET C 116 -8.88 7.66 34.83
N ARG C 117 -10.02 7.61 34.12
CA ARG C 117 -11.04 6.57 34.18
C ARG C 117 -11.42 6.30 32.73
N LEU C 118 -10.62 5.55 32.01
CA LEU C 118 -10.88 5.26 30.60
C LEU C 118 -11.99 4.21 30.47
N PRO C 119 -13.08 4.46 29.72
CA PRO C 119 -14.19 3.52 29.62
C PRO C 119 -14.04 2.49 28.50
N PHE C 120 -12.90 1.80 28.45
CA PHE C 120 -12.62 0.85 27.40
C PHE C 120 -12.07 -0.44 27.99
N PRO C 121 -12.31 -1.58 27.34
CA PRO C 121 -11.74 -2.84 27.83
C PRO C 121 -10.23 -2.87 27.62
N ASP C 122 -9.58 -3.79 28.32
CA ASP C 122 -8.14 -3.91 28.19
C ASP C 122 -7.76 -4.23 26.74
N ALA C 123 -6.56 -3.79 26.35
CA ALA C 123 -5.97 -4.14 25.06
C ALA C 123 -6.95 -3.94 23.92
N SER C 124 -7.61 -2.79 23.91
CA SER C 124 -8.58 -2.44 22.88
C SER C 124 -8.02 -1.50 21.82
N PHE C 125 -6.81 -0.98 21.99
CA PHE C 125 -6.22 -0.02 21.07
C PHE C 125 -4.83 -0.44 20.65
N ASP C 126 -4.50 -0.22 19.36
CA ASP C 126 -3.17 -0.48 18.84
C ASP C 126 -2.22 0.69 19.05
N GLY C 127 -2.75 1.90 19.20
CA GLY C 127 -1.93 3.07 19.43
C GLY C 127 -2.70 4.06 20.26
N VAL C 128 -1.96 4.90 20.96
CA VAL C 128 -2.55 5.99 21.74
C VAL C 128 -1.80 7.26 21.40
N TRP C 129 -2.54 8.35 21.33
CA TRP C 129 -2.06 9.62 20.81
C TRP C 129 -2.50 10.69 21.78
N ALA C 130 -1.56 11.25 22.54
CA ALA C 130 -1.85 12.20 23.61
C ALA C 130 -1.12 13.49 23.26
N MET C 131 -1.72 14.26 22.36
CA MET C 131 -1.11 15.50 21.90
C MET C 131 -1.45 16.62 22.87
N GLU C 132 -0.45 17.02 23.65
CA GLU C 132 -0.54 18.22 24.50
C GLU C 132 -1.75 18.16 25.42
N SER C 133 -1.90 17.02 26.10
CA SER C 133 -3.05 16.81 26.96
C SER C 133 -2.69 16.30 28.34
N LEU C 134 -1.57 15.59 28.47
CA LEU C 134 -1.31 14.93 29.75
C LEU C 134 -0.98 15.91 30.86
N HIS C 135 -0.68 17.18 30.56
CA HIS C 135 -0.40 18.14 31.62
C HIS C 135 -1.65 18.68 32.31
N HIS C 136 -2.85 18.39 31.80
CA HIS C 136 -4.08 18.74 32.50
C HIS C 136 -4.49 17.69 33.52
N MET C 137 -3.76 16.61 33.62
CA MET C 137 -4.14 15.54 34.53
C MET C 137 -3.63 15.85 35.94
N PRO C 138 -4.51 15.83 36.95
CA PRO C 138 -4.00 15.97 38.33
C PRO C 138 -3.11 14.80 38.73
N ASP C 139 -3.44 13.59 38.29
CA ASP C 139 -2.62 12.39 38.51
C ASP C 139 -2.17 11.90 37.13
N ARG C 140 -1.01 12.38 36.68
CA ARG C 140 -0.53 12.02 35.36
C ARG C 140 -0.16 10.54 35.27
N LEU C 141 0.34 9.96 36.38
CA LEU C 141 0.67 8.55 36.38
C LEU C 141 -0.59 7.69 36.19
N GLN C 142 -1.72 8.13 36.74
CA GLN C 142 -2.95 7.37 36.55
C GLN C 142 -3.42 7.41 35.10
N ALA C 143 -3.14 8.50 34.39
CA ALA C 143 -3.48 8.56 32.97
C ALA C 143 -2.59 7.65 32.15
N LEU C 144 -1.29 7.58 32.47
CA LEU C 144 -0.41 6.69 31.74
C LEU C 144 -0.72 5.22 32.03
N ARG C 145 -1.21 4.92 33.23
CA ARG C 145 -1.56 3.54 33.55
C ARG C 145 -2.81 3.12 32.79
N GLU C 146 -3.82 4.00 32.72
CA GLU C 146 -5.00 3.73 31.91
C GLU C 146 -4.62 3.59 30.45
N ILE C 147 -3.65 4.38 29.98
CA ILE C 147 -3.20 4.28 28.60
C ILE C 147 -2.56 2.92 28.35
N ALA C 148 -1.65 2.50 29.23
CA ALA C 148 -1.00 1.21 29.05
C ALA C 148 -2.00 0.06 29.17
N ARG C 149 -3.04 0.23 30.00
CA ARG C 149 -4.02 -0.84 30.16
C ARG C 149 -4.79 -1.07 28.86
N VAL C 150 -5.28 0.01 28.25
CA VAL C 150 -6.06 -0.10 27.01
C VAL C 150 -5.19 -0.39 25.81
N LEU C 151 -3.87 -0.25 25.91
CA LEU C 151 -2.97 -0.65 24.84
C LEU C 151 -2.80 -2.16 24.84
N ARG C 152 -2.88 -2.75 23.65
CA ARG C 152 -2.60 -4.17 23.48
C ARG C 152 -1.10 -4.42 23.53
N HIS C 153 -0.72 -5.68 23.69
CA HIS C 153 0.70 -6.03 23.63
C HIS C 153 1.26 -5.57 22.30
N GLY C 154 2.34 -4.80 22.35
CA GLY C 154 2.92 -4.23 21.16
C GLY C 154 2.30 -2.92 20.73
N GLY C 155 1.28 -2.45 21.43
CA GLY C 155 0.73 -1.15 21.11
C GLY C 155 1.71 -0.05 21.42
N VAL C 156 1.52 1.08 20.75
CA VAL C 156 2.48 2.17 20.82
C VAL C 156 1.78 3.42 21.32
N LEU C 157 2.58 4.31 21.89
CA LEU C 157 2.13 5.57 22.44
C LEU C 157 3.03 6.67 21.92
N SER C 158 2.45 7.83 21.63
CA SER C 158 3.18 9.01 21.22
C SER C 158 2.63 10.18 22.03
N ILE C 159 3.49 10.80 22.83
CA ILE C 159 3.10 11.88 23.72
C ILE C 159 3.79 13.15 23.24
N ALA C 160 3.03 14.24 23.18
CA ALA C 160 3.57 15.59 23.09
C ALA C 160 3.14 16.33 24.34
N ASP C 161 4.08 16.98 25.00
CA ASP C 161 3.74 17.67 26.24
C ASP C 161 4.84 18.65 26.60
N PHE C 162 4.53 19.50 27.59
CA PHE C 162 5.50 20.41 28.17
C PHE C 162 6.43 19.66 29.12
N VAL C 163 7.57 20.30 29.41
CA VAL C 163 8.49 19.82 30.42
C VAL C 163 9.19 21.03 31.05
N GLN C 164 9.73 20.84 32.24
CA GLN C 164 10.59 21.83 32.89
C GLN C 164 12.02 21.35 32.80
N LEU C 165 12.88 22.15 32.15
CA LEU C 165 14.27 21.78 31.90
C LEU C 165 15.16 21.94 33.12
N GLY C 166 14.73 22.71 34.11
CA GLY C 166 15.47 22.90 35.33
C GLY C 166 14.74 23.86 36.23
N PRO C 167 15.31 24.16 37.40
CA PRO C 167 14.65 25.14 38.28
C PRO C 167 14.66 26.51 37.63
N VAL C 168 13.60 27.25 37.89
CA VAL C 168 13.43 28.58 37.31
C VAL C 168 14.10 29.58 38.23
N ARG C 169 14.71 30.60 37.64
CA ARG C 169 15.34 31.63 38.44
C ARG C 169 14.29 32.40 39.25
N GLU C 170 14.72 32.90 40.40
CA GLU C 170 13.79 33.62 41.28
C GLU C 170 12.98 34.63 40.49
N GLN C 171 13.63 35.34 39.56
CA GLN C 171 12.99 36.41 38.82
C GLN C 171 11.94 35.90 37.83
N ASP C 172 11.98 34.61 37.47
CA ASP C 172 10.99 34.04 36.56
C ASP C 172 9.93 33.22 37.28
N GLU C 173 9.97 33.18 38.61
CA GLU C 173 9.01 32.36 39.35
C GLU C 173 7.58 32.80 39.10
N GLU C 174 7.34 34.11 39.05
CA GLU C 174 5.98 34.60 38.90
C GLU C 174 5.41 34.28 37.52
N ALA C 175 6.26 34.24 36.49
CA ALA C 175 5.79 33.88 35.15
C ALA C 175 5.46 32.40 35.06
N LEU C 176 6.31 31.55 35.63
CA LEU C 176 6.01 30.12 35.69
C LEU C 176 4.69 29.90 36.42
N ARG C 177 4.52 30.57 37.56
CA ARG C 177 3.27 30.47 38.31
C ARG C 177 2.09 30.89 37.44
N ALA C 178 2.23 32.00 36.73
CA ALA C 178 1.17 32.51 35.86
C ALA C 178 0.92 31.59 34.67
N PHE C 179 2.00 30.99 34.14
CA PHE C 179 1.88 30.07 33.02
C PHE C 179 1.14 28.80 33.41
N ARG C 180 1.37 28.32 34.63
CA ARG C 180 0.85 27.01 35.03
C ARG C 180 -0.64 27.07 35.38
N SER C 181 -1.06 28.09 36.12
CA SER C 181 -2.47 28.19 36.50
C SER C 181 -3.33 28.60 35.31
N GLY C 182 -2.81 29.47 34.45
CA GLY C 182 -3.59 29.90 33.29
C GLY C 182 -3.78 28.82 32.25
N GLY C 183 -2.72 28.07 31.96
CA GLY C 183 -2.80 27.00 31.00
C GLY C 183 -3.35 25.69 31.53
N GLY C 184 -3.78 25.66 32.78
CA GLY C 184 -4.32 24.46 33.35
C GLY C 184 -3.28 23.33 33.35
N VAL C 185 -2.05 23.67 33.70
CA VAL C 185 -0.93 22.75 33.62
C VAL C 185 -0.76 22.11 34.99
N HIS C 186 -1.62 21.14 35.30
CA HIS C 186 -1.63 20.54 36.64
C HIS C 186 -0.36 19.73 36.90
N THR C 187 0.13 19.00 35.89
CA THR C 187 1.35 18.22 36.03
C THR C 187 2.39 18.76 35.04
N LEU C 188 3.54 19.15 35.57
CA LEU C 188 4.66 19.63 34.77
C LEU C 188 5.93 19.13 35.44
N THR C 189 6.68 18.28 34.73
CA THR C 189 7.90 17.71 35.28
C THR C 189 9.02 17.83 34.25
N GLY C 190 10.23 17.51 34.69
CA GLY C 190 11.35 17.43 33.79
C GLY C 190 11.31 16.15 33.00
N ILE C 191 12.21 16.04 32.03
CA ILE C 191 12.19 14.88 31.14
C ILE C 191 12.42 13.60 31.93
N ALA C 192 13.35 13.64 32.89
CA ALA C 192 13.66 12.43 33.66
C ALA C 192 12.43 11.89 34.37
N GLU C 193 11.72 12.73 35.12
CA GLU C 193 10.54 12.25 35.83
C GLU C 193 9.44 11.82 34.87
N TYR C 194 9.38 12.43 33.68
CA TYR C 194 8.41 12.00 32.67
C TYR C 194 8.78 10.62 32.15
N GLU C 195 10.06 10.41 31.84
CA GLU C 195 10.51 9.11 31.37
C GLU C 195 10.34 8.03 32.43
N ALA C 196 10.43 8.39 33.70
CA ALA C 196 10.27 7.40 34.76
C ALA C 196 8.81 6.98 34.90
N GLU C 197 7.89 7.94 34.79
CA GLU C 197 6.46 7.63 34.87
C GLU C 197 6.06 6.69 33.75
N ILE C 198 6.52 6.96 32.52
CA ILE C 198 6.19 6.09 31.39
C ILE C 198 6.65 4.66 31.68
N ALA C 199 7.87 4.52 32.20
CA ALA C 199 8.34 3.19 32.58
C ALA C 199 7.49 2.60 33.69
N ASP C 200 7.13 3.41 34.69
CA ASP C 200 6.36 2.92 35.82
C ASP C 200 4.94 2.52 35.44
N ALA C 201 4.43 3.00 34.31
CA ALA C 201 3.09 2.62 33.86
C ALA C 201 3.08 1.31 33.10
N GLY C 202 4.25 0.74 32.80
CA GLY C 202 4.35 -0.50 32.07
C GLY C 202 4.79 -0.37 30.63
N LEU C 203 5.23 0.81 30.22
CA LEU C 203 5.58 1.07 28.83
C LEU C 203 7.10 1.12 28.68
N THR C 204 7.59 0.54 27.59
CA THR C 204 9.00 0.57 27.26
C THR C 204 9.27 1.76 26.34
N LEU C 205 10.05 2.72 26.84
CA LEU C 205 10.37 3.90 26.06
C LEU C 205 11.16 3.54 24.80
N THR C 206 10.80 4.18 23.69
CA THR C 206 11.48 3.96 22.42
C THR C 206 12.14 5.20 21.82
N SER C 207 11.59 6.39 22.04
CA SER C 207 12.26 7.62 21.61
C SER C 207 11.92 8.73 22.59
N SER C 208 12.78 9.76 22.61
CA SER C 208 12.60 10.91 23.49
C SER C 208 13.31 12.09 22.85
N SER C 209 12.54 13.10 22.43
CA SER C 209 13.06 14.22 21.67
C SER C 209 12.78 15.52 22.40
N ASP C 210 13.84 16.25 22.74
CA ASP C 210 13.73 17.58 23.32
C ASP C 210 13.62 18.59 22.18
N ILE C 211 12.42 19.13 21.96
CA ILE C 211 12.20 20.07 20.87
C ILE C 211 11.80 21.42 21.44
N SER C 212 12.38 21.78 22.59
CA SER C 212 12.00 23.03 23.24
C SER C 212 12.25 24.23 22.34
N ALA C 213 13.41 24.27 21.66
CA ALA C 213 13.72 25.41 20.82
C ALA C 213 12.83 25.47 19.59
N ASN C 214 12.37 24.31 19.10
CA ASN C 214 11.47 24.30 17.95
C ASN C 214 10.08 24.79 18.30
N VAL C 215 9.73 24.77 19.58
CA VAL C 215 8.38 25.15 20.01
C VAL C 215 8.37 26.52 20.67
N ARG C 216 9.50 26.94 21.26
CA ARG C 216 9.53 28.22 21.97
C ARG C 216 9.00 29.39 21.15
N PRO C 217 9.29 29.50 19.85
CA PRO C 217 8.66 30.59 19.08
C PRO C 217 7.14 30.55 19.12
N SER C 218 6.53 29.37 19.27
CA SER C 218 5.08 29.29 19.28
C SER C 218 4.49 30.19 20.34
N MET C 219 5.18 30.34 21.47
CA MET C 219 4.67 31.16 22.56
C MET C 219 4.47 32.60 22.11
N VAL C 220 5.52 33.20 21.54
CA VAL C 220 5.47 34.62 21.16
C VAL C 220 4.45 34.84 20.06
N ARG C 221 4.46 33.99 19.03
CA ARG C 221 3.60 34.22 17.87
C ARG C 221 2.13 33.98 18.21
N THR C 222 1.86 33.04 19.11
CA THR C 222 0.47 32.80 19.52
C THR C 222 -0.12 34.06 20.14
N ALA C 223 0.67 34.78 20.93
CA ALA C 223 0.24 36.06 21.48
C ALA C 223 -0.12 37.05 20.36
N GLU C 224 0.74 37.15 19.34
CA GLU C 224 0.45 38.08 18.24
C GLU C 224 -0.83 37.69 17.51
N ALA C 225 -1.08 36.39 17.36
CA ALA C 225 -2.32 35.95 16.71
C ALA C 225 -3.53 36.29 17.55
N ILE C 226 -3.41 36.24 18.88
CA ILE C 226 -4.53 36.59 19.75
C ILE C 226 -5.00 38.01 19.49
N ARG C 227 -4.08 38.98 19.49
CA ARG C 227 -4.43 40.35 19.20
C ARG C 227 -5.19 40.49 17.89
N GLY C 228 -4.70 39.84 16.84
CA GLY C 228 -5.38 39.92 15.55
C GLY C 228 -6.77 39.31 15.58
N ALA C 229 -7.01 38.37 16.50
CA ALA C 229 -8.32 37.76 16.69
C ALA C 229 -9.09 38.43 17.82
N ALA C 230 -8.76 39.69 18.13
CA ALA C 230 -9.48 40.41 19.17
C ALA C 230 -10.98 40.35 18.94
N ASP C 231 -11.43 40.30 17.68
CA ASP C 231 -12.85 40.21 17.40
C ASP C 231 -13.47 39.01 18.11
N ALA C 232 -12.77 37.88 18.15
CA ALA C 232 -13.31 36.65 18.72
C ALA C 232 -13.05 36.51 20.21
N PHE C 233 -11.96 37.08 20.73
CA PHE C 233 -11.60 36.94 22.14
C PHE C 233 -12.29 37.94 23.04
N LEU C 234 -12.32 39.21 22.63
CA LEU C 234 -12.89 40.27 23.47
C LEU C 234 -14.32 39.96 23.92
N PRO C 235 -15.22 39.53 23.04
CA PRO C 235 -16.61 39.31 23.48
C PRO C 235 -16.75 38.26 24.57
N LEU C 236 -15.86 37.27 24.62
CA LEU C 236 -15.98 36.21 25.61
C LEU C 236 -15.22 36.51 26.90
N MET C 237 -14.27 37.44 26.88
CA MET C 237 -13.46 37.79 28.04
C MET C 237 -13.57 39.27 28.39
N GLY C 238 -13.32 40.15 27.44
CA GLY C 238 -13.26 41.58 27.72
C GLY C 238 -11.86 42.02 28.08
N GLU C 239 -11.52 43.24 27.68
CA GLU C 239 -10.17 43.74 27.90
C GLU C 239 -9.83 43.71 29.39
N GLU C 240 -8.52 43.80 29.69
CA GLU C 240 -7.99 43.63 31.05
C GLU C 240 -8.53 42.28 31.50
N GLY C 241 -7.93 41.21 30.99
CA GLY C 241 -8.36 39.84 31.18
C GLY C 241 -7.98 39.16 29.88
N LEU C 242 -8.22 39.87 28.78
CA LEU C 242 -7.65 39.53 27.48
C LEU C 242 -6.17 39.93 27.44
N ARG C 243 -5.85 41.13 27.94
CA ARG C 243 -4.45 41.57 28.02
C ARG C 243 -3.67 40.69 28.99
N ARG C 244 -4.33 40.21 30.05
CA ARG C 244 -3.70 39.25 30.95
C ARG C 244 -3.41 37.95 30.19
N LEU C 245 -4.35 37.51 29.36
CA LEU C 245 -4.12 36.35 28.51
C LEU C 245 -2.86 36.53 27.66
N ILE C 246 -2.79 37.64 26.91
CA ILE C 246 -1.58 37.92 26.13
C ILE C 246 -0.35 37.90 27.03
N ASP C 247 -0.46 38.52 28.20
CA ASP C 247 0.70 38.67 29.08
C ASP C 247 1.22 37.32 29.56
N ASN C 248 0.33 36.38 29.88
CA ASN C 248 0.78 35.05 30.29
C ASN C 248 1.62 34.41 29.20
N PHE C 249 1.18 34.52 27.94
CA PHE C 249 1.97 33.99 26.84
C PHE C 249 3.30 34.72 26.69
N GLU C 250 3.26 36.06 26.70
CA GLU C 250 4.48 36.84 26.54
C GLU C 250 5.51 36.52 27.61
N ARG C 251 5.04 36.30 28.85
CA ARG C 251 5.94 35.97 29.94
C ARG C 251 6.54 34.58 29.77
N ALA C 252 5.73 33.62 29.31
CA ALA C 252 6.19 32.24 29.19
C ALA C 252 7.34 32.10 28.21
N ALA C 253 7.38 32.92 27.15
CA ALA C 253 8.46 32.81 26.19
C ALA C 253 9.81 33.23 26.78
N THR C 254 9.79 34.00 27.86
CA THR C 254 11.01 34.44 28.51
C THR C 254 11.55 33.43 29.51
N VAL C 255 10.80 32.39 29.82
CA VAL C 255 11.26 31.34 30.74
C VAL C 255 11.98 30.29 29.90
N PRO C 256 13.32 30.22 29.97
CA PRO C 256 14.02 29.19 29.19
C PRO C 256 13.85 27.80 29.75
N GLN C 257 13.32 27.67 30.98
CA GLN C 257 13.04 26.36 31.54
C GLN C 257 11.71 25.79 31.06
N ILE C 258 10.93 26.55 30.29
CA ILE C 258 9.69 26.05 29.70
C ILE C 258 10.05 25.35 28.39
N GLY C 259 9.98 24.02 28.39
CA GLY C 259 10.31 23.25 27.22
C GLY C 259 9.13 22.44 26.69
N TYR C 260 9.43 21.54 25.77
CA TYR C 260 8.43 20.74 25.07
C TYR C 260 9.14 19.49 24.60
N ALA C 261 8.49 18.33 24.75
CA ALA C 261 9.13 17.07 24.41
C ALA C 261 8.18 16.19 23.61
N LEU C 262 8.77 15.35 22.78
CA LEU C 262 8.07 14.30 22.05
C LEU C 262 8.58 12.96 22.54
N PHE C 263 7.69 12.16 23.11
CA PHE C 263 8.02 10.84 23.60
C PHE C 263 7.29 9.80 22.77
N ALA C 264 7.91 8.63 22.64
CA ALA C 264 7.30 7.47 22.03
C ALA C 264 7.65 6.26 22.88
N ALA C 265 6.67 5.38 23.09
CA ALA C 265 6.89 4.20 23.91
C ALA C 265 6.10 3.04 23.34
N ARG C 266 6.42 1.85 23.83
CA ARG C 266 5.79 0.62 23.37
C ARG C 266 5.37 -0.22 24.58
N ARG C 267 4.27 -0.94 24.43
CA ARG C 267 3.79 -1.83 25.48
C ARG C 267 4.44 -3.21 25.31
N SER C 268 5.44 -3.50 26.13
CA SER C 268 6.16 -4.77 26.02
C SER C 268 7.22 -4.90 27.11
N SAH D . -7.32 -20.94 0.48
CA SAH D . -8.35 -21.90 0.62
CB SAH D . -7.88 -23.07 1.55
CG SAH D . -7.54 -22.68 2.98
SD SAH D . -7.50 -24.26 3.86
C SAH D . -9.66 -21.32 1.14
O SAH D . -9.73 -20.39 1.92
OXT SAH D . -10.68 -21.94 0.64
C5' SAH D . -5.75 -24.51 4.24
C4' SAH D . -4.99 -24.94 3.00
O4' SAH D . -3.58 -24.85 3.24
C3' SAH D . -5.27 -26.37 2.54
O3' SAH D . -5.41 -26.41 1.11
C2' SAH D . -4.00 -27.12 2.97
O2' SAH D . -3.71 -28.24 2.15
C1' SAH D . -2.96 -26.03 2.76
N9 SAH D . -1.69 -26.24 3.45
C8 SAH D . -1.50 -26.72 4.71
N7 SAH D . -0.23 -26.83 5.05
C5 SAH D . 0.44 -26.38 3.92
C6 SAH D . 1.81 -26.24 3.64
N6 SAH D . 2.79 -26.56 4.50
N1 SAH D . 2.16 -25.76 2.43
C2 SAH D . 1.19 -25.45 1.56
N3 SAH D . -0.13 -25.54 1.72
C4 SAH D . -0.45 -26.01 2.93
H2 SAH D . 1.56 -25.07 0.61
HN1 SAH D . -6.39 -21.34 0.46
HN2 SAH D . -7.67 -19.99 0.42
HA SAH D . -8.54 -22.29 -0.38
HB1 SAH D . -7.02 -23.55 1.09
HB2 SAH D . -8.67 -23.83 1.57
HG1 SAH D . -8.27 -22.00 3.42
HG2 SAH D . -6.58 -22.17 3.05
H5'1 SAH D . -5.67 -25.26 5.04
H5'2 SAH D . -5.35 -23.60 4.67
H4' SAH D . -5.17 -24.23 2.18
H3' SAH D . -6.15 -26.78 3.00
HO3' SAH D . -5.23 -27.34 0.82
H2' SAH D . -4.10 -27.45 4.00
HO2' SAH D . -3.33 -27.88 1.31
H1' SAH D . -2.69 -25.90 1.71
H8 SAH D . -2.32 -26.99 5.37
HN61 SAH D . 2.59 -26.93 5.43
HN62 SAH D . 3.78 -26.45 4.26
C1 BY9 E . -11.13 -28.18 6.80
C10 BY9 E . -11.30 -29.45 12.68
C11 BY9 E . -11.47 -28.07 12.83
C12 BY9 E . -11.70 -27.16 13.94
C13 BY9 E . -11.92 -27.32 15.30
C14 BY9 E . -12.19 -26.21 16.09
C15 BY9 E . -12.24 -24.95 15.53
C16 BY9 E . -12.02 -24.76 14.18
C17 BY9 E . -11.75 -25.86 13.38
C18 BY9 E . -11.42 -27.28 11.66
C19 BY9 E . -11.29 -27.85 10.39
C2 BY9 E . -10.97 -29.34 6.05
C20 BY9 E . -11.17 -28.29 8.18
C21 BY9 E . -11.29 -24.81 11.12
C22 BY9 E . -9.86 -24.82 10.60
C23 BY9 E . -9.68 -23.72 9.57
C24 BY9 E . -10.69 -23.94 8.42
C25 BY9 E . -12.07 -23.80 9.13
C26 BY9 E . -13.24 -23.88 8.17
C3 BY9 E . -10.84 -30.57 6.68
C4 BY9 E . -10.87 -30.67 8.06
C5 BY9 E . -11.04 -29.53 8.83
C6 BY9 E . -11.13 -29.26 10.26
C7 BY9 E . -11.13 -30.03 11.42
C8 BY9 E . -10.92 -31.49 11.62
C9 BY9 E . -11.21 -30.53 13.69
N1 BY9 E . -10.99 -31.70 12.99
N2 BY9 E . -11.54 -25.94 12.00
N3 BY9 E . -11.31 -27.29 9.13
O1 BY9 E . -10.73 -32.36 10.78
O2 BY9 E . -11.30 -30.46 14.92
O3 BY9 E . -8.96 -24.60 11.68
O4 BY9 E . -8.41 -23.84 8.95
O5 BY9 E . -10.62 -22.91 7.50
O6 BY9 E . -12.22 -24.90 10.05
O7 BY9 E . -13.09 -24.95 7.26
H20 BY9 E . -11.24 -27.21 6.31
H5 BY9 E . -11.88 -28.31 15.75
H6 BY9 E . -12.37 -26.35 17.15
H7 BY9 E . -12.46 -24.09 16.15
H21 BY9 E . -12.05 -23.75 13.76
H1 BY9 E . -10.93 -29.28 4.96
H9 BY9 E . -11.47 -23.90 11.69
H10 BY9 E . -9.65 -25.77 10.11
H11 BY9 E . -9.82 -22.73 10.02
H12 BY9 E . -10.57 -24.88 7.91
H13 BY9 E . -12.13 -22.85 9.66
H14 BY9 E . -13.36 -22.98 7.57
H15 BY9 E . -14.20 -24.05 8.68
H2 BY9 E . -10.70 -31.47 6.07
H3 BY9 E . -10.78 -31.65 8.53
H4 BY9 E . -10.88 -32.61 13.42
H8 BY9 E . -11.71 -26.38 8.95
H22 BY9 E . -8.32 -25.36 11.67
H16 BY9 E . -8.34 -24.78 8.66
H18 BY9 E . -11.01 -23.25 6.65
H23 BY9 E . -13.86 -25.57 7.38
N SAH F . 7.24 3.14 -31.71
CA SAH F . 8.14 3.07 -32.81
CB SAH F . 9.54 3.63 -32.47
CG SAH F . 10.18 3.00 -31.25
SD SAH F . 11.92 3.54 -31.19
C SAH F . 8.25 1.64 -33.28
O SAH F . 8.43 1.32 -34.43
OXT SAH F . 8.15 0.79 -32.29
C5' SAH F . 11.89 4.96 -30.06
C4' SAH F . 11.28 6.21 -30.67
O4' SAH F . 11.25 7.26 -29.69
C3' SAH F . 12.08 6.77 -31.87
O3' SAH F . 11.21 7.28 -32.86
C2' SAH F . 12.89 7.90 -31.22
O2' SAH F . 13.24 8.91 -32.16
C1' SAH F . 11.87 8.42 -30.21
N9 SAH F . 12.41 9.22 -29.12
C8 SAH F . 13.59 9.04 -28.45
N7 SAH F . 13.80 9.90 -27.48
C5 SAH F . 12.66 10.71 -27.52
C6 SAH F . 12.26 11.82 -26.76
N6 SAH F . 12.98 12.32 -25.74
N1 SAH F . 11.08 12.40 -27.06
C2 SAH F . 10.35 11.88 -28.06
N3 SAH F . 10.63 10.85 -28.84
C4 SAH F . 11.80 10.29 -28.53
H2 SAH F . 9.42 12.42 -28.23
HN1 SAH F . 7.66 3.55 -30.87
HN2 SAH F . 6.31 2.77 -31.92
HA SAH F . 7.72 3.69 -33.60
HB1 SAH F . 9.46 4.71 -32.33
HB2 SAH F . 10.19 3.50 -33.34
HG1 SAH F . 10.14 1.91 -31.30
HG2 SAH F . 9.67 3.29 -30.34
H5'1 SAH F . 12.91 5.14 -29.74
H5'2 SAH F . 11.35 4.66 -29.17
H4' SAH F . 10.24 6.06 -30.94
H3' SAH F . 12.72 6.00 -32.30
HO3' SAH F . 11.79 7.72 -33.55
H2' SAH F . 13.80 7.51 -30.77
H1' SAH F . 11.13 9.06 -30.69
H8 SAH F . 14.30 8.25 -28.70
HN61 SAH F . 13.87 11.93 -25.46
HN62 SAH F . 12.66 13.13 -25.21
C1 BY9 G . 17.23 1.36 -33.26
C10 BY9 G . 21.92 -0.84 -30.18
C11 BY9 G . 20.96 -1.66 -29.59
C12 BY9 G . 20.97 -2.69 -28.56
C13 BY9 G . 21.97 -3.34 -27.85
C14 BY9 G . 21.62 -4.33 -26.93
C15 BY9 G . 20.30 -4.66 -26.72
C16 BY9 G . 19.28 -4.03 -27.42
C17 BY9 G . 19.63 -3.03 -28.33
C18 BY9 G . 19.62 -1.47 -29.95
C19 BY9 G . 19.25 -0.53 -30.94
C2 BY9 G . 17.64 2.35 -34.13
C20 BY9 G . 18.19 0.75 -32.46
C21 BY9 G . 17.36 -2.13 -29.02
C22 BY9 G . 16.96 -0.77 -28.47
C23 BY9 G . 15.45 -0.67 -28.41
C24 BY9 G . 14.89 -0.86 -29.84
C25 BY9 G . 15.35 -2.26 -30.30
C26 BY9 G . 14.88 -2.60 -31.71
C3 BY9 G . 18.97 2.74 -34.19
C4 BY9 G . 19.93 2.13 -33.39
C5 BY9 G . 19.54 1.11 -32.51
C6 BY9 G . 20.23 0.28 -31.54
C7 BY9 G . 21.57 0.13 -31.13
C8 BY9 G . 22.80 0.87 -31.52
C9 BY9 G . 23.39 -0.72 -29.96
N1 BY9 G . 23.82 0.29 -30.78
N2 BY9 G . 18.80 -2.26 -29.16
N3 BY9 G . 18.02 -0.25 -31.50
O1 BY9 G . 22.92 1.80 -32.30
O2 BY9 G . 24.10 -1.39 -29.22
O3 BY9 G . 17.51 -0.64 -27.15
O4 BY9 G . 15.07 0.66 -28.06
O5 BY9 G . 13.51 -0.92 -29.78
O6 BY9 G . 16.79 -2.33 -30.31
O7 BY9 G . 15.80 -2.13 -32.68
H20 BY9 G . 16.19 1.05 -33.21
H5 BY9 G . 23.01 -3.09 -28.01
H6 BY9 G . 22.41 -4.83 -26.38
H7 BY9 G . 20.04 -5.45 -26.01
H21 BY9 G . 18.25 -4.30 -27.23
H1 BY9 G . 16.91 2.85 -34.77
H9 BY9 G . 17.01 -2.93 -28.36
H10 BY9 G . 17.34 0.02 -29.11
H11 BY9 G . 15.03 -1.40 -27.74
H12 BY9 G . 15.23 -0.08 -30.52
H13 BY9 G . 14.96 -3.03 -29.62
H14 BY9 G . 14.78 -3.67 -31.89
H15 BY9 G . 13.93 -2.15 -31.96
H2 BY9 G . 19.27 3.53 -34.88
H3 BY9 G . 20.96 2.44 -33.46
H4 BY9 G . 24.78 0.60 -30.83
H8 BY9 G . 17.24 -0.89 -31.47
H22 BY9 G . 18.15 -1.38 -27.04
H16 BY9 G . 15.17 1.20 -28.88
H18 BY9 G . 13.24 -1.87 -29.78
H23 BY9 G . 15.43 -2.32 -33.58
N SAH H . -5.00 17.10 20.90
CA SAH H . -5.67 18.34 20.93
CB SAH H . -5.37 19.14 22.21
CG SAH H . -6.65 19.67 22.85
SD SAH H . -6.28 20.41 24.47
C SAH H . -5.27 19.13 19.69
O SAH H . -6.03 19.90 19.12
OXT SAH H . -4.04 18.90 19.32
C5' SAH H . -6.29 19.01 25.61
C4' SAH H . -7.59 18.23 25.45
O4' SAH H . -7.61 17.23 26.50
C3' SAH H . -8.89 19.01 25.57
O3' SAH H . -9.83 18.48 24.64
C2' SAH H . -9.32 18.73 27.01
O2' SAH H . -10.73 18.83 27.18
C1' SAH H . -8.86 17.30 27.18
N9 SAH H . -8.67 16.89 28.55
C8 SAH H . -8.18 17.64 29.59
N7 SAH H . -8.13 17.00 30.74
C5 SAH H . -8.63 15.74 30.43
C6 SAH H . -8.84 14.58 31.22
N6 SAH H . -8.57 14.52 32.54
N1 SAH H . -9.35 13.50 30.61
C2 SAH H . -9.62 13.56 29.30
N3 SAH H . -9.47 14.59 28.47
C4 SAH H . -8.97 15.65 29.10
H2 SAH H . -10.03 12.63 28.90
HN1 SAH H . -4.08 17.13 21.32
HN2 SAH H . -5.54 16.36 20.47
HA SAH H . -6.75 18.14 20.91
HB1 SAH H . -4.70 19.96 21.98
HB2 SAH H . -4.83 18.51 22.92
HG1 SAH H . -7.37 18.88 22.99
HG2 SAH H . -7.12 20.42 22.22
H5'1 SAH H . -5.42 18.40 25.42
H5'2 SAH H . -6.17 19.38 26.63
H4' SAH H . -7.59 17.69 24.50
H3' SAH H . -8.76 20.07 25.40
HO3' SAH H . -10.46 19.21 24.41
H2' SAH H . -8.82 19.43 27.69
HO2' SAH H . -11.01 19.63 26.64
H1' SAH H . -9.54 16.58 26.74
H8 SAH H . -7.85 18.67 29.47
HN61 SAH H . -8.20 15.32 33.04
HN62 SAH H . -8.73 13.68 33.07
C1 BY9 I . -7.06 26.55 24.95
C10 BY9 I . -4.08 30.21 28.70
C11 BY9 I . -2.94 29.66 28.10
C12 BY9 I . -1.50 29.87 28.19
C13 BY9 I . -0.70 30.74 28.92
C14 BY9 I . 0.68 30.68 28.78
C15 BY9 I . 1.26 29.76 27.92
C16 BY9 I . 0.48 28.88 27.19
C17 BY9 I . -0.90 28.94 27.33
C18 BY9 I . -3.13 28.63 27.16
C19 BY9 I . -4.42 28.20 26.77
C2 BY9 I . -8.43 26.73 25.07
C20 BY9 I . -6.21 27.28 25.78
C21 BY9 I . -1.67 26.95 25.96
C22 BY9 I . -1.99 25.70 26.80
C23 BY9 I . -1.86 24.46 25.95
C24 BY9 I . -2.82 24.58 24.76
C25 BY9 I . -2.41 25.84 23.97
C26 BY9 I . -3.30 26.12 22.77
C3 BY9 I . -8.94 27.62 26.01
C4 BY9 I . -8.10 28.35 26.84
C5 BY9 I . -6.72 28.18 26.72
C6 BY9 I . -5.56 28.78 27.38
C7 BY9 I . -5.36 29.77 28.36
C8 BY9 I . -6.33 30.49 29.23
C9 BY9 I . -4.23 31.21 29.78
N1 BY9 I . -5.58 31.32 30.03
N2 BY9 I . -1.89 28.16 26.73
N3 BY9 I . -4.83 27.29 25.82
O1 BY9 I . -7.55 30.38 29.27
O2 BY9 I . -3.34 31.84 30.36
O3 BY9 I . -1.10 25.64 27.90
O4 BY9 I . -2.29 23.33 26.70
O5 BY9 I . -2.64 23.50 23.90
O6 BY9 I . -2.52 27.00 24.82
O7 BY9 I . -2.77 27.14 21.95
H20 BY9 I . -6.65 25.86 24.21
H5 BY9 I . -1.14 31.47 29.59
H6 BY9 I . 1.32 31.35 29.36
H7 BY9 I . 2.35 29.71 27.81
H21 BY9 I . 0.96 28.16 26.52
H1 BY9 I . -9.10 26.18 24.43
H9 BY9 I . -0.63 26.93 25.64
H10 BY9 I . -3.03 25.76 27.16
H11 BY9 I . -0.83 24.32 25.59
H12 BY9 I . -3.86 24.64 25.08
H13 BY9 I . -1.39 25.74 23.61
H14 BY9 I . -3.44 25.25 22.13
H15 BY9 I . -4.30 26.46 23.05
H2 BY9 I . -10.02 27.75 26.09
H3 BY9 I . -8.51 29.04 27.56
H4 BY9 I . -5.97 31.94 30.73
H8 BY9 I . -4.23 26.98 25.07
H22 BY9 I . -0.39 26.31 27.72
H16 BY9 I . -2.88 22.82 26.08
H18 BY9 I . -1.83 23.68 23.35
H23 BY9 I . -3.34 27.21 21.13
#